data_6ZGU
#
_entry.id   6ZGU
#
_cell.length_a   102.048
_cell.length_b   199.703
_cell.length_c   61.616
_cell.angle_alpha   90.000
_cell.angle_beta   90.000
_cell.angle_gamma   90.000
#
_symmetry.space_group_name_H-M   'P 21 21 2'
#
loop_
_entity.id
_entity.type
_entity.pdbx_description
1 polymer 'L-lactate transporter'
2 non-polymer '3-(2-methylphenyl)propanoic acid'
3 water water
#
_entity_poly.entity_id   1
_entity_poly.type   'polypeptide(L)'
_entity_poly.pdbx_seq_one_letter_code
;MADQQTTMPRWVPLLLGLLGSTTCGMLLYAWSVFIKPLNAEFGWSRAEIAMAFAICCLIFGLMTFPAGRLSDKMGPRKVV
MTGGVLLAIGFILSGFIQSKYQLYITYGVIAGFGGGMIYLPPIATAPKWWPDRRALATGFAVVGLGLGSFLMGPLATYII
EKPGMGWRYVFWYCGVAMGIMALIAGAFLEPPPAGWKPAGYTPPAPPAGAAAPKVTRDWTYEEAKGDTKFWLLYLAYFCG
SFAGLMVIGHLAGFGRDAGLTAMAAAGAVSSLAFSNAATRILSGWFVDKIGIRVYFAALFALQTAAMIAIFQLGGSVVGL
SIVAIVIGWNYGAMFTLFPATCLQFYGPTAQGSNYGLLFTACGLAGFAGPWVGGWLKDTTGTYYLPFLCAAALCALGTAI
VFMTKPPEKKHALELEVLFQ
;
_entity_poly.pdbx_strand_id   A,B
#
loop_
_chem_comp.id
_chem_comp.type
_chem_comp.name
_chem_comp.formula
02Q non-polymer '3-(2-methylphenyl)propanoic acid' 'C10 H12 O2'
#
# COMPACT_ATOMS: atom_id res chain seq x y z
N THR A 7 -14.20 -35.65 29.21
CA THR A 7 -13.01 -35.24 29.96
C THR A 7 -13.07 -33.75 30.34
N MET A 8 -12.09 -32.91 29.87
CA MET A 8 -12.01 -31.56 30.44
C MET A 8 -13.08 -30.65 29.84
N PRO A 9 -13.71 -29.82 30.67
CA PRO A 9 -14.71 -28.86 30.15
C PRO A 9 -14.09 -27.96 29.10
N ARG A 10 -14.79 -27.80 27.99
CA ARG A 10 -14.21 -27.19 26.80
C ARG A 10 -13.92 -25.69 26.97
N TRP A 11 -14.16 -25.10 28.14
CA TRP A 11 -13.79 -23.72 28.40
C TRP A 11 -12.40 -23.59 29.02
N VAL A 12 -11.90 -24.66 29.62
CA VAL A 12 -10.49 -24.71 30.02
C VAL A 12 -9.58 -24.31 28.89
N PRO A 13 -9.66 -24.84 27.67
CA PRO A 13 -8.88 -24.28 26.56
C PRO A 13 -8.94 -22.77 26.46
N LEU A 14 -10.13 -22.17 26.63
CA LEU A 14 -10.22 -20.72 26.56
C LEU A 14 -9.43 -20.06 27.67
N LEU A 15 -9.53 -20.61 28.87
CA LEU A 15 -8.77 -20.05 29.98
C LEU A 15 -7.27 -20.14 29.70
N LEU A 16 -6.85 -21.27 29.10
CA LEU A 16 -5.44 -21.47 28.78
C LEU A 16 -4.96 -20.44 27.77
N GLY A 17 -5.75 -20.23 26.71
CA GLY A 17 -5.36 -19.24 25.71
C GLY A 17 -5.33 -17.83 26.28
N LEU A 18 -6.25 -17.52 27.19
CA LEU A 18 -6.18 -16.25 27.89
C LEU A 18 -4.85 -16.11 28.63
N LEU A 19 -4.41 -17.17 29.33
CA LEU A 19 -3.13 -17.13 30.04
C LEU A 19 -1.92 -16.91 29.10
N GLY A 20 -1.81 -17.74 28.06
CA GLY A 20 -0.64 -17.67 27.19
C GLY A 20 -0.56 -16.37 26.41
N SER A 21 -1.70 -15.92 25.86
CA SER A 21 -1.70 -14.65 25.17
C SER A 21 -1.43 -13.49 26.12
N THR A 22 -1.83 -13.62 27.40
CA THR A 22 -1.51 -12.56 28.36
C THR A 22 -0.01 -12.48 28.62
N THR A 23 0.62 -13.63 28.78
CA THR A 23 2.09 -13.67 28.86
C THR A 23 2.74 -13.01 27.64
N CYS A 24 2.24 -13.30 26.43
CA CYS A 24 2.81 -12.68 25.22
C CYS A 24 2.64 -11.16 25.23
N GLY A 25 1.49 -10.69 25.71
CA GLY A 25 1.28 -9.26 25.81
C GLY A 25 2.23 -8.60 26.80
N MET A 26 2.46 -9.26 27.95
CA MET A 26 3.46 -8.76 28.88
C MET A 26 4.84 -8.63 28.21
N LEU A 27 5.26 -9.71 27.52
CA LEU A 27 6.57 -9.69 26.85
C LEU A 27 6.68 -8.56 25.83
N LEU A 28 5.65 -8.38 25.00
CA LEU A 28 5.70 -7.34 24.00
C LEU A 28 5.53 -5.95 24.59
N TYR A 29 5.00 -5.83 25.82
CA TYR A 29 4.86 -4.51 26.43
C TYR A 29 6.11 -4.04 27.18
N ALA A 30 6.93 -4.98 27.68
CA ALA A 30 8.02 -4.63 28.59
C ALA A 30 9.00 -3.56 28.06
N TRP A 31 9.24 -3.55 26.74
CA TRP A 31 10.33 -2.73 26.20
C TRP A 31 10.13 -1.25 26.54
N SER A 32 8.88 -0.81 26.52
CA SER A 32 8.60 0.58 26.86
C SER A 32 8.89 0.83 28.34
N VAL A 33 8.66 -0.18 29.19
CA VAL A 33 9.01 -0.07 30.61
C VAL A 33 10.49 0.24 30.75
N PHE A 34 11.32 -0.41 29.94
CA PHE A 34 12.76 -0.20 30.09
C PHE A 34 13.32 0.94 29.25
N ILE A 35 12.50 1.65 28.45
CA ILE A 35 13.03 2.77 27.68
C ILE A 35 13.82 3.73 28.56
N LYS A 36 13.22 4.18 29.66
CA LYS A 36 13.90 5.21 30.45
C LYS A 36 14.99 4.66 31.38
N PRO A 37 14.80 3.51 32.06
CA PRO A 37 15.89 3.02 32.93
C PRO A 37 17.20 2.74 32.19
N LEU A 38 17.11 2.08 31.02
CA LEU A 38 18.30 1.79 30.22
C LEU A 38 18.96 3.06 29.69
N ASN A 39 18.18 4.09 29.36
CA ASN A 39 18.80 5.37 28.96
C ASN A 39 19.48 6.03 30.15
N ALA A 40 18.98 5.76 31.37
CA ALA A 40 19.66 6.29 32.54
C ALA A 40 21.00 5.59 32.75
N GLU A 41 21.03 4.25 32.63
CA GLU A 41 22.26 3.52 32.92
C GLU A 41 23.31 3.62 31.81
N PHE A 42 22.91 3.62 30.54
CA PHE A 42 23.84 3.68 29.42
C PHE A 42 23.49 4.88 28.53
N GLY A 43 24.38 5.16 27.57
CA GLY A 43 24.13 6.22 26.59
C GLY A 43 23.17 5.81 25.49
N TRP A 44 22.18 4.98 25.83
CA TRP A 44 21.33 4.28 24.86
C TRP A 44 20.10 5.12 24.51
N SER A 45 19.89 5.29 23.20
CA SER A 45 18.80 6.08 22.66
C SER A 45 17.47 5.34 22.81
N ARG A 46 16.37 6.09 22.74
CA ARG A 46 15.07 5.44 22.64
C ARG A 46 15.06 4.49 21.45
N ALA A 47 15.58 4.94 20.30
CA ALA A 47 15.58 4.12 19.10
C ALA A 47 16.43 2.87 19.26
N GLU A 48 17.54 2.98 19.99
CA GLU A 48 18.39 1.82 20.25
C GLU A 48 17.65 0.75 21.03
N ILE A 49 16.82 1.17 22.01
CA ILE A 49 16.02 0.23 22.80
C ILE A 49 14.84 -0.28 21.98
N ALA A 50 14.27 0.59 21.13
CA ALA A 50 13.18 0.20 20.25
C ALA A 50 13.63 -0.83 19.24
N MET A 51 14.93 -0.83 18.89
CA MET A 51 15.46 -1.89 18.03
C MET A 51 15.27 -3.26 18.68
N ALA A 52 15.40 -3.33 20.02
CA ALA A 52 15.18 -4.60 20.70
C ALA A 52 13.74 -5.07 20.54
N PHE A 53 12.79 -4.15 20.65
CA PHE A 53 11.38 -4.49 20.46
C PHE A 53 11.09 -4.91 19.03
N ALA A 54 11.63 -4.17 18.04
CA ALA A 54 11.42 -4.51 16.63
C ALA A 54 11.99 -5.90 16.30
N ILE A 55 13.17 -6.23 16.82
CA ILE A 55 13.72 -7.57 16.64
C ILE A 55 12.81 -8.61 17.30
N CYS A 56 12.30 -8.30 18.49
CA CYS A 56 11.38 -9.20 19.17
C CYS A 56 10.16 -9.51 18.28
N CYS A 57 9.58 -8.46 17.69
CA CYS A 57 8.40 -8.65 16.82
C CYS A 57 8.74 -9.47 15.60
N LEU A 58 9.91 -9.21 14.99
CA LEU A 58 10.30 -9.99 13.82
C LEU A 58 10.38 -11.46 14.17
N ILE A 59 11.16 -11.82 15.20
CA ILE A 59 11.34 -13.24 15.53
C ILE A 59 10.04 -13.88 16.00
N PHE A 60 9.26 -13.19 16.84
CA PHE A 60 7.98 -13.72 17.31
C PHE A 60 7.07 -14.08 16.14
N GLY A 61 6.81 -13.09 15.26
CA GLY A 61 5.96 -13.33 14.11
C GLY A 61 6.52 -14.39 13.17
N LEU A 62 7.85 -14.43 13.00
CA LEU A 62 8.41 -15.48 12.15
C LEU A 62 8.24 -16.86 12.80
N MET A 63 8.57 -16.99 14.09
CA MET A 63 8.58 -18.30 14.76
C MET A 63 7.20 -18.88 14.97
N THR A 64 6.12 -18.12 14.75
CA THR A 64 4.80 -18.77 14.70
C THR A 64 4.73 -19.88 13.63
N PHE A 65 5.41 -19.69 12.48
CA PHE A 65 5.38 -20.72 11.42
C PHE A 65 5.99 -22.04 11.88
N PRO A 66 7.24 -22.12 12.35
CA PRO A 66 7.71 -23.40 12.90
C PRO A 66 6.87 -23.86 14.07
N ALA A 67 6.40 -22.92 14.91
CA ALA A 67 5.56 -23.29 16.04
C ALA A 67 4.27 -23.96 15.59
N GLY A 68 3.62 -23.42 14.55
CA GLY A 68 2.41 -24.06 14.06
C GLY A 68 2.68 -25.40 13.39
N ARG A 69 3.73 -25.47 12.58
CA ARG A 69 4.08 -26.76 12.01
C ARG A 69 4.35 -27.79 13.10
N LEU A 70 5.09 -27.41 14.14
CA LEU A 70 5.42 -28.38 15.19
C LEU A 70 4.22 -28.69 16.07
N SER A 71 3.35 -27.72 16.30
CA SER A 71 2.14 -27.98 17.04
C SER A 71 1.27 -28.98 16.29
N ASP A 72 1.16 -28.82 14.98
CA ASP A 72 0.43 -29.79 14.16
C ASP A 72 1.07 -31.17 14.24
N LYS A 73 2.40 -31.23 14.11
CA LYS A 73 3.07 -32.52 13.97
C LYS A 73 3.12 -33.28 15.30
N MET A 74 3.41 -32.60 16.41
CA MET A 74 3.60 -33.30 17.68
C MET A 74 2.76 -32.71 18.81
N GLY A 75 1.70 -31.97 18.49
CA GLY A 75 0.81 -31.45 19.50
C GLY A 75 1.24 -30.12 20.07
N PRO A 76 0.27 -29.35 20.58
CA PRO A 76 0.56 -28.00 21.05
C PRO A 76 1.23 -27.93 22.42
N ARG A 77 1.11 -28.98 23.24
CA ARG A 77 1.63 -28.90 24.61
C ARG A 77 3.16 -28.75 24.63
N LYS A 78 3.86 -29.63 23.91
CA LYS A 78 5.32 -29.55 23.87
C LYS A 78 5.78 -28.19 23.34
N VAL A 79 5.10 -27.68 22.29
CA VAL A 79 5.48 -26.40 21.67
C VAL A 79 5.30 -25.23 22.65
N VAL A 80 4.15 -25.19 23.35
CA VAL A 80 3.91 -24.08 24.27
C VAL A 80 4.84 -24.15 25.49
N MET A 81 5.15 -25.34 25.99
CA MET A 81 6.01 -25.41 27.17
C MET A 81 7.46 -25.12 26.81
N THR A 82 7.92 -25.56 25.63
CA THR A 82 9.23 -25.14 25.12
C THR A 82 9.30 -23.63 24.92
N GLY A 83 8.23 -23.03 24.39
CA GLY A 83 8.18 -21.59 24.26
C GLY A 83 8.28 -20.90 25.61
N GLY A 84 7.62 -21.46 26.63
CA GLY A 84 7.77 -20.92 27.97
C GLY A 84 9.21 -20.98 28.45
N VAL A 85 9.90 -22.08 28.16
CA VAL A 85 11.32 -22.19 28.52
C VAL A 85 12.14 -21.10 27.83
N LEU A 86 12.02 -21.00 26.50
CA LEU A 86 12.80 -20.04 25.73
C LEU A 86 12.52 -18.61 26.17
N LEU A 87 11.25 -18.28 26.40
CA LEU A 87 10.91 -16.94 26.83
C LEU A 87 11.49 -16.64 28.19
N ALA A 88 11.34 -17.58 29.14
CA ALA A 88 11.91 -17.39 30.47
C ALA A 88 13.40 -17.13 30.37
N ILE A 89 14.11 -17.97 29.60
CA ILE A 89 15.56 -17.84 29.44
C ILE A 89 15.92 -16.46 28.90
N GLY A 90 15.29 -16.05 27.79
CA GLY A 90 15.68 -14.80 27.15
C GLY A 90 15.38 -13.59 28.01
N PHE A 91 14.23 -13.59 28.69
CA PHE A 91 13.86 -12.46 29.55
C PHE A 91 14.77 -12.38 30.78
N ILE A 92 14.98 -13.51 31.46
CA ILE A 92 15.85 -13.55 32.64
C ILE A 92 17.28 -13.16 32.28
N LEU A 93 17.75 -13.59 31.09
CA LEU A 93 19.08 -13.19 30.63
C LEU A 93 19.12 -11.71 30.27
N SER A 94 18.03 -11.15 29.75
CA SER A 94 17.97 -9.70 29.64
C SER A 94 18.18 -9.04 30.99
N GLY A 95 17.76 -9.71 32.07
CA GLY A 95 18.06 -9.19 33.40
C GLY A 95 19.55 -9.02 33.70
N PHE A 96 20.38 -9.91 33.15
CA PHE A 96 21.81 -9.95 33.42
C PHE A 96 22.65 -9.31 32.32
N ILE A 97 22.07 -8.44 31.49
CA ILE A 97 22.79 -7.93 30.31
C ILE A 97 23.69 -6.78 30.71
N GLN A 98 24.60 -6.42 29.78
CA GLN A 98 25.43 -5.22 29.90
C GLN A 98 25.55 -4.42 28.59
N SER A 99 25.15 -4.97 27.44
CA SER A 99 25.32 -4.32 26.15
C SER A 99 24.01 -4.29 25.36
N LYS A 100 24.03 -3.54 24.25
CA LYS A 100 22.89 -3.51 23.33
C LYS A 100 22.69 -4.87 22.67
N TYR A 101 23.76 -5.43 22.08
CA TYR A 101 23.60 -6.71 21.38
C TYR A 101 23.18 -7.82 22.33
N GLN A 102 23.62 -7.79 23.59
CA GLN A 102 23.11 -8.77 24.55
C GLN A 102 21.61 -8.63 24.71
N LEU A 103 21.12 -7.39 24.76
CA LEU A 103 19.68 -7.15 24.87
C LEU A 103 18.94 -7.61 23.61
N TYR A 104 19.49 -7.31 22.42
CA TYR A 104 18.91 -7.77 21.17
C TYR A 104 18.80 -9.28 21.13
N ILE A 105 19.84 -9.96 21.62
CA ILE A 105 19.86 -11.41 21.59
C ILE A 105 18.88 -11.99 22.60
N THR A 106 18.98 -11.54 23.86
CA THR A 106 18.17 -12.12 24.93
C THR A 106 16.70 -11.76 24.78
N TYR A 107 16.39 -10.46 24.77
CA TYR A 107 15.00 -10.03 24.66
C TYR A 107 14.48 -10.18 23.24
N GLY A 108 15.24 -9.72 22.26
CA GLY A 108 14.81 -9.78 20.88
C GLY A 108 14.66 -11.19 20.36
N VAL A 109 15.75 -11.96 20.34
CA VAL A 109 15.74 -13.24 19.64
C VAL A 109 15.15 -14.35 20.51
N ILE A 110 15.77 -14.62 21.68
CA ILE A 110 15.34 -15.74 22.53
C ILE A 110 13.91 -15.53 23.03
N ALA A 111 13.67 -14.41 23.70
CA ALA A 111 12.35 -14.16 24.28
C ALA A 111 11.28 -14.13 23.18
N GLY A 112 11.58 -13.51 22.04
CA GLY A 112 10.61 -13.48 20.94
C GLY A 112 10.35 -14.84 20.34
N PHE A 113 11.39 -15.67 20.27
CA PHE A 113 11.25 -17.07 19.86
C PHE A 113 10.22 -17.79 20.74
N GLY A 114 10.46 -17.75 22.07
CA GLY A 114 9.51 -18.36 23.01
C GLY A 114 8.12 -17.76 22.90
N GLY A 115 8.03 -16.45 22.63
CA GLY A 115 6.72 -15.81 22.53
C GLY A 115 5.90 -16.30 21.36
N GLY A 116 6.52 -16.42 20.18
CA GLY A 116 5.79 -16.97 19.05
C GLY A 116 5.31 -18.40 19.31
N MET A 117 6.19 -19.22 19.91
CA MET A 117 5.81 -20.59 20.22
C MET A 117 4.69 -20.67 21.27
N ILE A 118 4.61 -19.70 22.18
CA ILE A 118 3.48 -19.65 23.14
C ILE A 118 2.22 -19.13 22.46
N TYR A 119 2.36 -18.12 21.62
CA TYR A 119 1.21 -17.42 21.07
C TYR A 119 0.39 -18.31 20.16
N LEU A 120 1.05 -19.12 19.32
CA LEU A 120 0.27 -19.74 18.25
C LEU A 120 -0.57 -20.99 18.57
N PRO A 121 -0.02 -21.98 19.27
CA PRO A 121 -0.73 -23.26 19.40
C PRO A 121 -2.11 -23.11 20.02
N PRO A 122 -2.32 -22.25 21.03
CA PRO A 122 -3.70 -22.08 21.54
C PRO A 122 -4.65 -21.49 20.51
N ILE A 123 -4.17 -20.55 19.68
CA ILE A 123 -5.00 -20.01 18.61
C ILE A 123 -5.47 -21.13 17.68
N ALA A 124 -4.62 -22.16 17.46
CA ALA A 124 -5.06 -23.29 16.63
C ALA A 124 -5.91 -24.31 17.41
N THR A 125 -5.75 -24.40 18.72
CA THR A 125 -6.39 -25.47 19.48
C THR A 125 -7.77 -25.08 20.00
N ALA A 126 -7.95 -23.85 20.48
CA ALA A 126 -9.21 -23.48 21.13
C ALA A 126 -10.42 -23.64 20.22
N PRO A 127 -10.42 -23.16 18.97
CA PRO A 127 -11.62 -23.37 18.15
C PRO A 127 -11.94 -24.83 17.94
N LYS A 128 -10.95 -25.72 18.06
CA LYS A 128 -11.22 -27.14 17.94
C LYS A 128 -12.15 -27.60 19.05
N TRP A 129 -12.16 -26.91 20.18
CA TRP A 129 -13.09 -27.30 21.23
C TRP A 129 -14.43 -26.59 21.06
N TRP A 130 -14.53 -25.68 20.09
CA TRP A 130 -15.66 -24.76 19.92
C TRP A 130 -16.04 -24.61 18.45
N PRO A 131 -16.55 -25.67 17.83
CA PRO A 131 -17.02 -25.54 16.45
C PRO A 131 -18.29 -24.73 16.31
N ASP A 132 -19.08 -24.58 17.38
CA ASP A 132 -20.24 -23.72 17.32
C ASP A 132 -19.86 -22.26 17.47
N ARG A 133 -18.67 -21.97 18.03
CA ARG A 133 -18.23 -20.60 18.27
C ARG A 133 -16.74 -20.40 17.97
N ARG A 134 -16.31 -20.65 16.72
CA ARG A 134 -14.87 -20.69 16.41
C ARG A 134 -14.21 -19.34 16.62
N ALA A 135 -14.86 -18.27 16.19
CA ALA A 135 -14.22 -16.96 16.28
C ALA A 135 -14.12 -16.47 17.73
N LEU A 136 -15.14 -16.74 18.54
CA LEU A 136 -15.03 -16.37 19.96
C LEU A 136 -13.90 -17.14 20.64
N ALA A 137 -13.78 -18.44 20.36
CA ALA A 137 -12.69 -19.23 20.93
C ALA A 137 -11.33 -18.64 20.53
N THR A 138 -11.17 -18.33 19.24
CA THR A 138 -9.95 -17.64 18.80
C THR A 138 -9.70 -16.35 19.58
N GLY A 139 -10.75 -15.56 19.78
CA GLY A 139 -10.58 -14.30 20.50
C GLY A 139 -10.06 -14.52 21.90
N PHE A 140 -10.53 -15.58 22.56
CA PHE A 140 -9.98 -15.88 23.87
C PHE A 140 -8.52 -16.25 23.78
N ALA A 141 -8.12 -16.90 22.67
CA ALA A 141 -6.70 -17.19 22.49
C ALA A 141 -5.85 -15.94 22.25
N VAL A 142 -6.44 -14.80 21.89
CA VAL A 142 -5.63 -13.61 21.59
C VAL A 142 -5.88 -12.42 22.50
N VAL A 143 -6.90 -12.42 23.35
CA VAL A 143 -7.21 -11.20 24.11
C VAL A 143 -6.10 -10.86 25.10
N GLY A 144 -5.29 -11.84 25.49
CA GLY A 144 -4.18 -11.54 26.40
C GLY A 144 -3.22 -10.52 25.84
N LEU A 145 -3.07 -10.46 24.52
CA LEU A 145 -2.20 -9.43 23.95
C LEU A 145 -2.75 -8.03 24.18
N GLY A 146 -4.07 -7.87 24.31
CA GLY A 146 -4.64 -6.61 24.77
C GLY A 146 -4.57 -6.38 26.27
N LEU A 147 -4.50 -7.45 27.08
CA LEU A 147 -4.48 -7.30 28.55
C LEU A 147 -3.08 -7.17 29.16
N GLY A 148 -2.05 -7.60 28.43
CA GLY A 148 -0.71 -7.68 29.02
C GLY A 148 -0.17 -6.34 29.47
N SER A 149 -0.52 -5.26 28.76
CA SER A 149 -0.13 -3.91 29.20
C SER A 149 -0.66 -3.62 30.59
N PHE A 150 -1.96 -3.79 30.80
CA PHE A 150 -2.56 -3.53 32.12
C PHE A 150 -1.95 -4.40 33.20
N LEU A 151 -1.56 -5.64 32.87
CA LEU A 151 -0.95 -6.45 33.93
C LEU A 151 0.48 -6.02 34.23
N MET A 152 1.25 -5.71 33.21
CA MET A 152 2.67 -5.50 33.45
C MET A 152 2.98 -4.08 33.91
N GLY A 153 2.36 -3.07 33.31
CA GLY A 153 2.62 -1.69 33.64
C GLY A 153 2.75 -1.41 35.14
N PRO A 154 1.69 -1.72 35.91
CA PRO A 154 1.80 -1.55 37.37
C PRO A 154 2.86 -2.44 37.99
N LEU A 155 2.99 -3.67 37.51
CA LEU A 155 3.98 -4.60 38.04
C LEU A 155 5.41 -4.11 37.82
N ALA A 156 5.72 -3.72 36.57
CA ALA A 156 7.06 -3.23 36.25
C ALA A 156 7.37 -1.90 36.95
N THR A 157 6.38 -1.00 37.05
CA THR A 157 6.61 0.23 37.79
C THR A 157 6.92 -0.08 39.26
N TYR A 158 6.15 -1.02 39.83
CA TYR A 158 6.31 -1.40 41.22
C TYR A 158 7.73 -1.92 41.48
N ILE A 159 8.24 -2.79 40.62
CA ILE A 159 9.58 -3.36 40.86
C ILE A 159 10.66 -2.30 40.63
N ILE A 160 10.52 -1.44 39.60
CA ILE A 160 11.59 -0.49 39.27
C ILE A 160 11.76 0.55 40.36
N GLU A 161 10.65 1.14 40.86
CA GLU A 161 10.80 2.23 41.83
C GLU A 161 11.16 1.74 43.23
N LYS A 162 10.98 0.46 43.52
CA LYS A 162 11.34 -0.06 44.84
C LYS A 162 12.86 -0.02 45.03
N PRO A 163 13.33 0.36 46.22
CA PRO A 163 14.76 0.65 46.42
C PRO A 163 15.67 -0.56 46.34
N GLY A 164 15.29 -1.66 46.99
CA GLY A 164 16.11 -2.85 46.93
C GLY A 164 16.13 -3.55 45.60
N MET A 165 15.32 -3.09 44.64
CA MET A 165 15.11 -3.72 43.34
C MET A 165 15.66 -2.81 42.23
N GLY A 166 15.10 -2.93 41.02
CA GLY A 166 15.58 -2.21 39.87
C GLY A 166 14.98 -2.77 38.60
N TRP A 167 15.45 -2.27 37.45
CA TRP A 167 14.87 -2.74 36.20
C TRP A 167 15.33 -4.16 35.87
N ARG A 168 16.59 -4.46 36.18
CA ARG A 168 17.03 -5.84 36.03
C ARG A 168 16.17 -6.78 36.87
N TYR A 169 15.66 -6.27 38.00
CA TYR A 169 14.75 -7.05 38.83
C TYR A 169 13.41 -7.27 38.15
N VAL A 170 12.92 -6.28 37.40
CA VAL A 170 11.75 -6.50 36.54
C VAL A 170 12.03 -7.67 35.60
N PHE A 171 13.16 -7.62 34.88
CA PHE A 171 13.47 -8.70 33.94
C PHE A 171 13.47 -10.06 34.64
N TRP A 172 14.19 -10.17 35.75
CA TRP A 172 14.33 -11.46 36.44
C TRP A 172 12.98 -11.97 36.98
N TYR A 173 12.32 -11.16 37.81
CA TYR A 173 11.09 -11.62 38.46
C TYR A 173 9.97 -11.82 37.46
N CYS A 174 9.75 -10.85 36.57
CA CYS A 174 8.70 -10.99 35.57
C CYS A 174 9.02 -12.13 34.61
N GLY A 175 10.29 -12.47 34.41
CA GLY A 175 10.61 -13.59 33.55
C GLY A 175 10.29 -14.92 34.19
N VAL A 176 10.56 -15.05 35.49
CA VAL A 176 10.09 -16.23 36.23
C VAL A 176 8.57 -16.34 36.17
N ALA A 177 7.87 -15.21 36.42
CA ALA A 177 6.42 -15.25 36.48
C ALA A 177 5.81 -15.62 35.13
N MET A 178 6.35 -15.07 34.03
CA MET A 178 5.84 -15.37 32.70
C MET A 178 6.17 -16.80 32.30
N GLY A 179 7.38 -17.29 32.64
CA GLY A 179 7.69 -18.69 32.43
C GLY A 179 6.70 -19.61 33.12
N ILE A 180 6.31 -19.27 34.36
CA ILE A 180 5.34 -20.09 35.10
C ILE A 180 3.97 -20.05 34.40
N MET A 181 3.49 -18.86 34.07
CA MET A 181 2.18 -18.76 33.43
C MET A 181 2.14 -19.56 32.13
N ALA A 182 3.22 -19.50 31.34
CA ALA A 182 3.27 -20.19 30.04
C ALA A 182 3.43 -21.70 30.21
N LEU A 183 4.17 -22.15 31.22
CA LEU A 183 4.23 -23.58 31.47
C LEU A 183 2.89 -24.10 31.98
N ILE A 184 2.19 -23.33 32.82
CA ILE A 184 0.87 -23.74 33.28
C ILE A 184 -0.13 -23.76 32.13
N ALA A 185 -0.05 -22.79 31.23
CA ALA A 185 -0.92 -22.77 30.06
C ALA A 185 -0.64 -23.95 29.13
N GLY A 186 0.63 -24.20 28.80
CA GLY A 186 0.97 -25.27 27.88
C GLY A 186 0.80 -26.66 28.47
N ALA A 187 0.84 -26.79 29.80
CA ALA A 187 0.72 -28.09 30.45
C ALA A 187 -0.64 -28.74 30.18
N PHE A 188 -1.72 -27.96 30.20
CA PHE A 188 -3.08 -28.47 30.08
C PHE A 188 -3.69 -28.30 28.69
N LEU A 189 -2.89 -28.07 27.67
CA LEU A 189 -3.43 -27.77 26.34
C LEU A 189 -3.29 -28.98 25.43
N GLU A 190 -4.42 -29.41 24.88
CA GLU A 190 -4.44 -30.50 23.92
C GLU A 190 -5.74 -30.43 23.14
N PRO A 191 -5.75 -30.88 21.89
CA PRO A 191 -6.99 -30.85 21.11
C PRO A 191 -8.01 -31.78 21.74
N PRO A 192 -9.27 -31.78 21.30
CA PRO A 192 -10.18 -32.82 21.71
C PRO A 192 -9.69 -34.15 21.17
N PRO A 193 -10.10 -35.26 21.76
CA PRO A 193 -9.60 -36.57 21.33
C PRO A 193 -10.02 -36.86 19.90
N ALA A 194 -9.25 -37.77 19.26
CA ALA A 194 -9.14 -37.83 17.80
C ALA A 194 -10.46 -38.08 17.08
N GLY A 195 -11.49 -38.52 17.78
CA GLY A 195 -12.73 -38.89 17.11
C GLY A 195 -13.99 -38.16 17.51
N TRP A 196 -14.38 -38.28 18.78
CA TRP A 196 -15.64 -37.70 19.21
C TRP A 196 -15.47 -36.20 19.48
N LYS A 197 -16.43 -35.43 19.00
CA LYS A 197 -16.36 -34.00 19.09
C LYS A 197 -17.30 -33.48 20.16
N PRO A 198 -16.77 -32.82 21.24
CA PRO A 198 -17.64 -32.24 22.28
C PRO A 198 -18.81 -31.44 21.73
N ALA A 199 -20.00 -32.01 21.86
CA ALA A 199 -21.17 -31.43 21.23
C ALA A 199 -22.43 -31.86 21.97
N GLY A 200 -23.43 -30.98 21.95
CA GLY A 200 -24.79 -31.35 22.21
C GLY A 200 -25.54 -31.54 20.90
N TYR A 201 -25.17 -30.76 19.88
CA TYR A 201 -25.75 -30.83 18.55
C TYR A 201 -24.61 -30.76 17.52
N THR A 202 -24.97 -30.66 16.24
CA THR A 202 -23.95 -30.58 15.18
C THR A 202 -24.33 -29.61 14.07
N PRO A 213 -22.71 -40.75 -1.99
CA PRO A 213 -22.31 -40.08 -0.74
C PRO A 213 -21.08 -39.19 -0.92
N LYS A 214 -21.27 -37.87 -0.93
CA LYS A 214 -20.16 -36.94 -1.09
C LYS A 214 -19.47 -36.74 0.26
N VAL A 215 -18.18 -36.47 0.23
CA VAL A 215 -17.38 -36.37 1.46
C VAL A 215 -16.33 -35.29 1.26
N THR A 216 -16.42 -34.23 2.06
CA THR A 216 -15.40 -33.19 2.03
C THR A 216 -14.36 -33.45 3.11
N ARG A 217 -13.31 -32.62 3.11
CA ARG A 217 -12.23 -32.69 4.07
C ARG A 217 -11.54 -31.34 4.12
N ASP A 218 -10.84 -31.11 5.23
CA ASP A 218 -10.13 -29.86 5.39
C ASP A 218 -8.95 -29.79 4.43
N TRP A 219 -8.41 -28.58 4.28
CA TRP A 219 -7.22 -28.45 3.47
C TRP A 219 -5.97 -28.84 4.26
N THR A 220 -4.97 -29.31 3.53
CA THR A 220 -3.66 -29.62 4.05
C THR A 220 -2.79 -28.36 3.98
N TYR A 221 -1.74 -28.32 4.81
CA TYR A 221 -0.87 -27.13 4.78
C TYR A 221 -0.35 -26.87 3.38
N GLU A 222 0.07 -27.92 2.68
CA GLU A 222 0.56 -27.79 1.32
C GLU A 222 -0.53 -27.30 0.36
N GLU A 223 -1.79 -27.69 0.58
CA GLU A 223 -2.88 -27.25 -0.28
C GLU A 223 -3.23 -25.79 -0.04
N ALA A 224 -3.29 -25.37 1.22
CA ALA A 224 -3.62 -23.98 1.50
C ALA A 224 -2.46 -23.05 1.13
N LYS A 225 -1.24 -23.47 1.45
CA LYS A 225 -0.03 -22.71 1.12
C LYS A 225 0.10 -22.46 -0.38
N GLY A 226 -0.59 -23.24 -1.21
CA GLY A 226 -0.61 -23.08 -2.65
C GLY A 226 -1.85 -22.38 -3.19
N ASP A 227 -2.76 -21.97 -2.32
CA ASP A 227 -3.99 -21.30 -2.75
C ASP A 227 -3.67 -19.82 -2.95
N THR A 228 -4.26 -19.19 -3.98
CA THR A 228 -4.05 -17.77 -4.16
C THR A 228 -4.79 -16.97 -3.11
N LYS A 229 -5.92 -17.49 -2.60
CA LYS A 229 -6.65 -16.79 -1.54
C LYS A 229 -5.86 -16.72 -0.23
N PHE A 230 -5.05 -17.73 0.06
CA PHE A 230 -4.20 -17.64 1.23
C PHE A 230 -3.29 -16.42 1.12
N TRP A 231 -2.72 -16.19 -0.06
CA TRP A 231 -1.80 -15.07 -0.19
C TRP A 231 -2.50 -13.74 -0.31
N LEU A 232 -3.72 -13.69 -0.87
CA LEU A 232 -4.50 -12.46 -0.75
C LEU A 232 -4.74 -12.13 0.71
N LEU A 233 -5.08 -13.14 1.53
CA LEU A 233 -5.23 -12.90 2.97
C LEU A 233 -3.93 -12.43 3.59
N TYR A 234 -2.82 -13.05 3.22
CA TYR A 234 -1.50 -12.65 3.69
C TYR A 234 -1.23 -11.18 3.38
N LEU A 235 -1.56 -10.77 2.16
CA LEU A 235 -1.39 -9.37 1.78
C LEU A 235 -2.28 -8.46 2.60
N ALA A 236 -3.54 -8.85 2.76
CA ALA A 236 -4.42 -8.02 3.56
C ALA A 236 -3.87 -7.90 4.97
N TYR A 237 -3.37 -9.01 5.52
CA TYR A 237 -2.84 -9.01 6.88
C TYR A 237 -1.68 -8.06 7.00
N PHE A 238 -0.72 -8.19 6.06
CA PHE A 238 0.43 -7.30 6.07
C PHE A 238 -0.02 -5.84 5.98
N CYS A 239 -0.98 -5.54 5.12
CA CYS A 239 -1.43 -4.15 4.96
C CYS A 239 -2.06 -3.61 6.27
N GLY A 240 -3.04 -4.34 6.83
CA GLY A 240 -3.71 -3.80 8.03
C GLY A 240 -2.74 -3.71 9.20
N SER A 241 -1.97 -4.76 9.41
CA SER A 241 -0.94 -4.79 10.44
C SER A 241 0.02 -3.61 10.31
N PHE A 242 0.55 -3.40 9.10
CA PHE A 242 1.54 -2.35 8.85
C PHE A 242 0.95 -0.97 9.09
N ALA A 243 -0.28 -0.73 8.60
CA ALA A 243 -0.91 0.56 8.78
C ALA A 243 -1.04 0.91 10.26
N GLY A 244 -1.61 -0.01 11.05
CA GLY A 244 -1.74 0.26 12.47
C GLY A 244 -0.41 0.53 13.12
N LEU A 245 0.60 -0.32 12.83
CA LEU A 245 1.89 -0.15 13.50
C LEU A 245 2.60 1.11 13.06
N MET A 246 2.24 1.63 11.88
CA MET A 246 2.85 2.84 11.37
C MET A 246 2.30 4.09 12.02
N VAL A 247 1.01 4.11 12.45
CA VAL A 247 0.44 5.35 12.98
C VAL A 247 0.16 5.32 14.49
N ILE A 248 -0.10 4.17 15.09
CA ILE A 248 -0.55 4.16 16.48
C ILE A 248 0.47 4.88 17.37
N GLY A 249 1.75 4.64 17.14
CA GLY A 249 2.72 5.37 17.93
C GLY A 249 2.70 6.87 17.69
N HIS A 250 1.93 7.35 16.72
CA HIS A 250 1.94 8.79 16.43
C HIS A 250 0.71 9.51 16.92
N LEU A 251 -0.32 8.77 17.36
CA LEU A 251 -1.56 9.46 17.77
C LEU A 251 -1.31 10.57 18.82
N ALA A 252 -0.59 10.27 19.89
CA ALA A 252 -0.47 11.28 20.95
C ALA A 252 0.28 12.50 20.44
N GLY A 253 1.35 12.27 19.68
CA GLY A 253 2.09 13.38 19.09
C GLY A 253 1.22 14.20 18.14
N PHE A 254 0.32 13.53 17.42
CA PHE A 254 -0.60 14.28 16.59
C PHE A 254 -1.39 15.24 17.46
N GLY A 255 -1.86 14.75 18.60
CA GLY A 255 -2.58 15.61 19.53
C GLY A 255 -1.76 16.79 20.02
N ARG A 256 -0.55 16.53 20.53
CA ARG A 256 0.24 17.65 21.04
C ARG A 256 0.55 18.63 19.92
N ASP A 257 0.80 18.13 18.70
CA ASP A 257 1.01 19.05 17.59
C ASP A 257 -0.26 19.87 17.30
N ALA A 258 -1.43 19.32 17.61
CA ALA A 258 -2.68 20.05 17.41
C ALA A 258 -2.94 21.09 18.49
N GLY A 259 -2.17 21.07 19.57
CA GLY A 259 -2.30 22.09 20.60
C GLY A 259 -2.62 21.53 21.98
N LEU A 260 -2.89 20.23 22.10
CA LEU A 260 -3.20 19.64 23.39
C LEU A 260 -1.95 19.50 24.26
N THR A 261 -2.15 19.59 25.56
CA THR A 261 -1.10 19.24 26.50
C THR A 261 -0.75 17.76 26.36
N ALA A 262 0.50 17.42 26.71
CA ALA A 262 0.97 16.04 26.65
C ALA A 262 0.09 15.12 27.48
N MET A 263 -0.25 15.56 28.68
CA MET A 263 -1.18 14.87 29.56
C MET A 263 -2.50 14.59 28.85
N ALA A 264 -3.06 15.59 28.18
CA ALA A 264 -4.37 15.46 27.54
C ALA A 264 -4.30 14.53 26.35
N ALA A 265 -3.29 14.71 25.49
CA ALA A 265 -3.13 13.77 24.38
C ALA A 265 -2.94 12.35 24.89
N ALA A 266 -2.17 12.19 25.97
CA ALA A 266 -1.94 10.83 26.45
C ALA A 266 -3.23 10.20 26.96
N GLY A 267 -3.99 10.96 27.76
CA GLY A 267 -5.28 10.44 28.21
C GLY A 267 -6.17 10.04 27.04
N ALA A 268 -6.31 10.93 26.04
CA ALA A 268 -7.19 10.59 24.92
C ALA A 268 -6.74 9.32 24.25
N VAL A 269 -5.46 9.23 23.90
CA VAL A 269 -4.99 8.06 23.16
C VAL A 269 -5.17 6.78 23.99
N SER A 270 -5.17 6.88 25.32
CA SER A 270 -5.17 5.65 26.11
C SER A 270 -6.44 4.82 25.93
N SER A 271 -7.53 5.37 25.41
CA SER A 271 -8.70 4.50 25.22
C SER A 271 -8.43 3.40 24.23
N LEU A 272 -7.36 3.53 23.44
CA LEU A 272 -7.04 2.51 22.44
C LEU A 272 -6.81 1.15 23.06
N ALA A 273 -6.19 1.10 24.25
CA ALA A 273 -5.98 -0.19 24.91
C ALA A 273 -7.29 -0.90 25.20
N PHE A 274 -8.29 -0.17 25.69
CA PHE A 274 -9.57 -0.80 26.00
C PHE A 274 -10.21 -1.35 24.73
N SER A 275 -10.30 -0.54 23.68
CA SER A 275 -10.98 -1.12 22.52
C SER A 275 -10.14 -2.22 21.87
N ASN A 276 -8.80 -2.06 21.89
CA ASN A 276 -7.93 -3.09 21.33
C ASN A 276 -8.13 -4.41 22.03
N ALA A 277 -8.39 -4.37 23.35
CA ALA A 277 -8.69 -5.60 24.07
C ALA A 277 -10.10 -6.09 23.77
N ALA A 278 -11.11 -5.22 23.89
CA ALA A 278 -12.51 -5.65 23.78
C ALA A 278 -12.84 -6.22 22.41
N THR A 279 -12.36 -5.57 21.34
CA THR A 279 -12.71 -6.02 20.01
C THR A 279 -12.33 -7.47 19.79
N ARG A 280 -11.29 -7.95 20.48
CA ARG A 280 -10.80 -9.31 20.21
C ARG A 280 -11.81 -10.36 20.59
N ILE A 281 -12.60 -10.09 21.63
CA ILE A 281 -13.66 -11.00 22.05
C ILE A 281 -14.95 -10.69 21.31
N LEU A 282 -15.29 -9.40 21.29
CA LEU A 282 -16.60 -9.00 20.81
C LEU A 282 -16.73 -9.27 19.31
N SER A 283 -15.68 -8.95 18.53
CA SER A 283 -15.70 -9.23 17.10
C SER A 283 -15.80 -10.71 16.82
N GLY A 284 -15.15 -11.54 17.65
CA GLY A 284 -15.29 -12.98 17.50
C GLY A 284 -16.73 -13.40 17.68
N TRP A 285 -17.37 -12.90 18.75
CA TRP A 285 -18.78 -13.23 18.96
C TRP A 285 -19.65 -12.74 17.80
N PHE A 286 -19.44 -11.49 17.35
CA PHE A 286 -20.25 -10.96 16.26
C PHE A 286 -20.14 -11.85 15.02
N VAL A 287 -18.91 -12.11 14.57
CA VAL A 287 -18.80 -12.83 13.30
C VAL A 287 -19.23 -14.27 13.45
N ASP A 288 -19.11 -14.84 14.67
CA ASP A 288 -19.72 -16.15 14.88
C ASP A 288 -21.21 -16.08 14.60
N LYS A 289 -21.86 -14.96 14.97
CA LYS A 289 -23.31 -14.90 14.74
C LYS A 289 -23.67 -14.55 13.28
N ILE A 290 -23.00 -13.58 12.63
CA ILE A 290 -23.48 -13.03 11.36
C ILE A 290 -22.55 -13.29 10.17
N GLY A 291 -21.45 -14.05 10.33
CA GLY A 291 -20.49 -14.25 9.27
C GLY A 291 -19.36 -13.23 9.36
N ILE A 292 -18.28 -13.50 8.62
CA ILE A 292 -17.01 -12.78 8.80
C ILE A 292 -16.84 -11.67 7.76
N ARG A 293 -17.04 -12.00 6.49
CA ARG A 293 -16.44 -11.19 5.42
C ARG A 293 -16.92 -9.75 5.48
N VAL A 294 -18.22 -9.53 5.66
CA VAL A 294 -18.75 -8.16 5.53
C VAL A 294 -18.34 -7.31 6.72
N TYR A 295 -18.54 -7.82 7.95
CA TYR A 295 -18.03 -7.11 9.14
C TYR A 295 -16.53 -6.86 9.03
N PHE A 296 -15.78 -7.89 8.59
CA PHE A 296 -14.34 -7.73 8.45
C PHE A 296 -13.99 -6.56 7.51
N ALA A 297 -14.53 -6.59 6.28
CA ALA A 297 -14.26 -5.51 5.32
C ALA A 297 -14.70 -4.17 5.87
N ALA A 298 -15.82 -4.13 6.60
CA ALA A 298 -16.26 -2.86 7.14
C ALA A 298 -15.25 -2.32 8.14
N LEU A 299 -14.69 -3.20 8.99
CA LEU A 299 -13.64 -2.73 9.91
C LEU A 299 -12.45 -2.15 9.15
N PHE A 300 -11.94 -2.84 8.12
CA PHE A 300 -10.84 -2.22 7.34
C PHE A 300 -11.25 -0.88 6.75
N ALA A 301 -12.48 -0.80 6.20
CA ALA A 301 -12.89 0.46 5.58
C ALA A 301 -12.95 1.57 6.63
N LEU A 302 -13.54 1.25 7.78
CA LEU A 302 -13.60 2.22 8.87
C LEU A 302 -12.20 2.64 9.29
N GLN A 303 -11.26 1.71 9.21
CA GLN A 303 -9.86 2.02 9.52
C GLN A 303 -9.28 3.01 8.51
N THR A 304 -9.63 2.81 7.22
CA THR A 304 -9.26 3.78 6.19
C THR A 304 -9.80 5.15 6.53
N ALA A 305 -11.10 5.18 6.83
CA ALA A 305 -11.73 6.44 7.18
C ALA A 305 -11.07 7.07 8.38
N ALA A 306 -10.68 6.28 9.39
CA ALA A 306 -10.08 6.88 10.60
C ALA A 306 -8.72 7.50 10.29
N MET A 307 -7.90 6.81 9.47
CA MET A 307 -6.62 7.41 9.10
C MET A 307 -6.84 8.77 8.46
N ILE A 308 -7.90 8.90 7.66
CA ILE A 308 -8.17 10.23 7.07
C ILE A 308 -8.77 11.19 8.10
N ALA A 309 -9.71 10.69 8.90
CA ALA A 309 -10.51 11.52 9.77
C ALA A 309 -9.68 12.13 10.86
N ILE A 310 -8.52 11.56 11.18
CA ILE A 310 -7.76 12.19 12.26
C ILE A 310 -7.41 13.64 11.91
N PHE A 311 -7.26 13.96 10.63
CA PHE A 311 -6.92 15.36 10.33
C PHE A 311 -8.08 16.30 10.62
N GLN A 312 -9.28 15.77 10.81
CA GLN A 312 -10.39 16.61 11.22
C GLN A 312 -10.79 16.45 12.67
N LEU A 313 -10.60 15.27 13.28
CA LEU A 313 -11.00 15.03 14.68
C LEU A 313 -9.86 15.06 15.69
N GLY A 314 -8.62 14.95 15.27
CA GLY A 314 -7.53 14.70 16.20
C GLY A 314 -7.10 15.87 17.06
N GLY A 315 -7.73 17.03 16.96
CA GLY A 315 -7.28 18.22 17.70
C GLY A 315 -7.97 18.48 19.02
N SER A 316 -8.80 17.55 19.50
CA SER A 316 -9.52 17.71 20.76
C SER A 316 -9.50 16.36 21.47
N VAL A 317 -9.55 16.39 22.80
CA VAL A 317 -9.55 15.13 23.55
C VAL A 317 -10.67 14.22 23.07
N VAL A 318 -11.86 14.77 22.84
CA VAL A 318 -12.98 13.92 22.44
C VAL A 318 -12.73 13.31 21.06
N GLY A 319 -12.34 14.15 20.09
CA GLY A 319 -12.04 13.64 18.76
C GLY A 319 -10.89 12.64 18.77
N LEU A 320 -9.76 13.04 19.39
CA LEU A 320 -8.61 12.12 19.42
C LEU A 320 -8.99 10.79 20.07
N SER A 321 -9.85 10.83 21.09
CA SER A 321 -10.29 9.56 21.71
C SER A 321 -11.10 8.73 20.75
N ILE A 322 -12.01 9.36 19.99
CA ILE A 322 -12.80 8.59 19.04
C ILE A 322 -11.89 7.90 18.04
N VAL A 323 -10.94 8.67 17.49
CA VAL A 323 -9.98 8.07 16.53
C VAL A 323 -9.20 6.94 17.18
N ALA A 324 -8.71 7.15 18.42
CA ALA A 324 -7.94 6.10 19.08
C ALA A 324 -8.79 4.86 19.31
N ILE A 325 -10.02 5.05 19.77
CA ILE A 325 -10.86 3.88 20.06
C ILE A 325 -11.15 3.11 18.79
N VAL A 326 -11.49 3.83 17.71
CA VAL A 326 -11.80 3.18 16.44
C VAL A 326 -10.59 2.43 15.92
N ILE A 327 -9.42 3.10 15.90
CA ILE A 327 -8.20 2.47 15.43
C ILE A 327 -7.92 1.22 16.23
N GLY A 328 -8.04 1.32 17.56
CA GLY A 328 -7.86 0.14 18.39
C GLY A 328 -8.88 -0.96 18.10
N TRP A 329 -10.13 -0.59 17.82
CA TRP A 329 -11.15 -1.61 17.54
C TRP A 329 -10.78 -2.42 16.30
N ASN A 330 -10.46 -1.70 15.20
CA ASN A 330 -10.14 -2.35 13.91
C ASN A 330 -8.82 -3.12 13.97
N TYR A 331 -7.78 -2.49 14.56
CA TYR A 331 -6.49 -3.17 14.67
C TYR A 331 -6.64 -4.48 15.43
N GLY A 332 -7.11 -4.39 16.70
CA GLY A 332 -7.26 -5.61 17.49
C GLY A 332 -8.12 -6.66 16.82
N ALA A 333 -9.16 -6.24 16.07
CA ALA A 333 -10.02 -7.25 15.45
C ALA A 333 -9.27 -8.08 14.44
N MET A 334 -8.24 -7.50 13.80
CA MET A 334 -7.49 -8.30 12.81
C MET A 334 -7.01 -9.63 13.40
N PHE A 335 -6.55 -9.62 14.65
CA PHE A 335 -5.92 -10.84 15.16
C PHE A 335 -6.91 -11.92 15.60
N THR A 336 -8.22 -11.64 15.52
CA THR A 336 -9.21 -12.69 15.66
C THR A 336 -9.80 -13.08 14.32
N LEU A 337 -9.99 -12.09 13.43
CA LEU A 337 -10.71 -12.32 12.19
C LEU A 337 -9.82 -12.95 11.11
N PHE A 338 -8.49 -12.68 11.11
CA PHE A 338 -7.65 -13.42 10.18
C PHE A 338 -7.57 -14.90 10.55
N PRO A 339 -7.30 -15.29 11.81
CA PRO A 339 -7.37 -16.73 12.12
C PRO A 339 -8.76 -17.35 11.92
N ALA A 340 -9.83 -16.62 12.21
CA ALA A 340 -11.18 -17.17 11.95
C ALA A 340 -11.42 -17.35 10.46
N THR A 341 -11.04 -16.36 9.65
CA THR A 341 -11.19 -16.46 8.19
C THR A 341 -10.39 -17.63 7.64
N CYS A 342 -9.14 -17.78 8.09
CA CYS A 342 -8.32 -18.92 7.67
C CYS A 342 -8.97 -20.25 8.07
N LEU A 343 -9.53 -20.31 9.27
CA LEU A 343 -10.28 -21.49 9.73
C LEU A 343 -11.48 -21.81 8.83
N GLN A 344 -12.17 -20.78 8.36
CA GLN A 344 -13.30 -20.98 7.45
C GLN A 344 -12.84 -21.47 6.08
N PHE A 345 -11.71 -20.95 5.58
CA PHE A 345 -11.23 -21.34 4.24
C PHE A 345 -10.71 -22.75 4.23
N TYR A 346 -9.92 -23.12 5.25
CA TYR A 346 -9.14 -24.35 5.15
C TYR A 346 -9.45 -25.40 6.21
N GLY A 347 -10.20 -25.07 7.26
CA GLY A 347 -10.55 -26.05 8.27
C GLY A 347 -9.52 -26.15 9.37
N PRO A 348 -9.90 -26.76 10.50
CA PRO A 348 -9.03 -26.71 11.70
C PRO A 348 -7.88 -27.71 11.69
N THR A 349 -7.96 -28.77 10.88
CA THR A 349 -6.94 -29.81 10.96
C THR A 349 -5.54 -29.24 10.70
N ALA A 350 -5.39 -28.44 9.65
CA ALA A 350 -4.10 -27.82 9.37
C ALA A 350 -4.04 -26.38 9.82
N GLN A 351 -4.92 -25.98 10.75
CA GLN A 351 -4.98 -24.58 11.17
C GLN A 351 -3.68 -24.12 11.84
N GLY A 352 -3.02 -25.01 12.56
CA GLY A 352 -1.73 -24.68 13.12
C GLY A 352 -0.76 -24.24 12.05
N SER A 353 -0.53 -25.09 11.05
CA SER A 353 0.38 -24.78 9.95
C SER A 353 -0.09 -23.59 9.11
N ASN A 354 -1.35 -23.62 8.65
CA ASN A 354 -1.90 -22.53 7.84
C ASN A 354 -1.75 -21.19 8.54
N TYR A 355 -2.27 -21.07 9.78
CA TYR A 355 -2.24 -19.75 10.40
C TYR A 355 -0.84 -19.38 10.89
N GLY A 356 0.00 -20.35 11.25
CA GLY A 356 1.37 -19.99 11.59
C GLY A 356 2.08 -19.32 10.42
N LEU A 357 1.98 -19.92 9.24
CA LEU A 357 2.48 -19.27 8.04
C LEU A 357 1.86 -17.89 7.86
N LEU A 358 0.53 -17.80 7.98
CA LEU A 358 -0.11 -16.52 7.70
C LEU A 358 0.36 -15.41 8.65
N PHE A 359 0.70 -15.75 9.90
CA PHE A 359 1.07 -14.68 10.85
C PHE A 359 2.45 -14.10 10.58
N THR A 360 3.30 -14.79 9.82
CA THR A 360 4.59 -14.20 9.44
C THR A 360 4.40 -12.83 8.79
N ALA A 361 3.26 -12.60 8.13
CA ALA A 361 2.95 -11.26 7.63
C ALA A 361 3.06 -10.23 8.74
N CYS A 362 2.53 -10.55 9.93
CA CYS A 362 2.66 -9.69 11.11
C CYS A 362 4.08 -9.61 11.61
N GLY A 363 4.84 -10.69 11.50
CA GLY A 363 6.26 -10.61 11.88
C GLY A 363 6.96 -9.50 11.11
N LEU A 364 6.74 -9.48 9.79
CA LEU A 364 7.36 -8.47 8.94
C LEU A 364 6.77 -7.08 9.20
N ALA A 365 5.44 -6.99 9.28
CA ALA A 365 4.83 -5.69 9.58
C ALA A 365 5.33 -5.14 10.91
N GLY A 366 5.51 -6.02 11.91
CA GLY A 366 6.00 -5.55 13.19
C GLY A 366 7.43 -5.07 13.11
N PHE A 367 8.22 -5.71 12.28
CA PHE A 367 9.60 -5.25 12.14
C PHE A 367 9.66 -3.86 11.51
N ALA A 368 8.91 -3.64 10.42
CA ALA A 368 9.16 -2.44 9.61
C ALA A 368 8.17 -1.30 9.86
N GLY A 369 6.93 -1.59 10.22
CA GLY A 369 5.89 -0.58 10.27
C GLY A 369 6.26 0.64 11.11
N PRO A 370 6.59 0.45 12.39
CA PRO A 370 6.86 1.63 13.24
C PRO A 370 7.98 2.48 12.70
N TRP A 371 9.05 1.84 12.27
CA TRP A 371 10.17 2.58 11.73
C TRP A 371 9.74 3.41 10.54
N VAL A 372 9.04 2.78 9.57
CA VAL A 372 8.68 3.49 8.35
C VAL A 372 7.76 4.66 8.65
N GLY A 373 6.81 4.47 9.58
CA GLY A 373 5.97 5.60 10.00
C GLY A 373 6.78 6.75 10.57
N GLY A 374 7.76 6.43 11.44
CA GLY A 374 8.60 7.49 11.99
C GLY A 374 9.40 8.19 10.91
N TRP A 375 9.92 7.43 9.95
CA TRP A 375 10.75 7.99 8.89
C TRP A 375 9.93 8.90 7.98
N LEU A 376 8.71 8.51 7.65
CA LEU A 376 7.85 9.37 6.85
C LEU A 376 7.54 10.67 7.58
N LYS A 377 7.26 10.57 8.88
CA LYS A 377 7.03 11.81 9.63
C LYS A 377 8.27 12.67 9.59
N ASP A 378 9.43 12.12 9.95
CA ASP A 378 10.64 12.94 10.06
C ASP A 378 11.12 13.46 8.72
N THR A 379 10.91 12.69 7.63
CA THR A 379 11.23 13.18 6.30
C THR A 379 10.39 14.41 5.95
N THR A 380 9.06 14.32 6.14
CA THR A 380 8.22 15.45 5.75
C THR A 380 8.02 16.46 6.86
N GLY A 381 8.20 16.07 8.12
CA GLY A 381 7.94 16.95 9.25
C GLY A 381 6.49 17.04 9.64
N THR A 382 5.61 16.36 8.92
CA THR A 382 4.17 16.39 9.17
C THR A 382 3.62 14.96 9.21
N TYR A 383 2.38 14.84 9.67
CA TYR A 383 1.69 13.56 9.80
C TYR A 383 0.94 13.14 8.53
N TYR A 384 0.89 14.00 7.51
CA TYR A 384 0.12 13.69 6.30
C TYR A 384 0.63 12.41 5.62
N LEU A 385 1.95 12.28 5.44
CA LEU A 385 2.44 11.11 4.71
C LEU A 385 2.16 9.80 5.43
N PRO A 386 2.55 9.60 6.70
CA PRO A 386 2.29 8.29 7.31
C PRO A 386 0.81 7.95 7.37
N PHE A 387 -0.03 8.92 7.73
CA PHE A 387 -1.45 8.58 7.85
C PHE A 387 -2.08 8.35 6.46
N LEU A 388 -1.66 9.13 5.45
CA LEU A 388 -2.16 8.90 4.09
C LEU A 388 -1.73 7.53 3.56
N CYS A 389 -0.46 7.12 3.79
CA CYS A 389 -0.04 5.78 3.39
C CYS A 389 -0.82 4.69 4.12
N ALA A 390 -0.99 4.85 5.43
CA ALA A 390 -1.77 3.86 6.20
C ALA A 390 -3.18 3.74 5.62
N ALA A 391 -3.80 4.89 5.27
CA ALA A 391 -5.14 4.87 4.68
C ALA A 391 -5.14 4.08 3.40
N ALA A 392 -4.16 4.32 2.52
CA ALA A 392 -4.10 3.53 1.28
C ALA A 392 -3.94 2.04 1.57
N LEU A 393 -3.06 1.68 2.53
CA LEU A 393 -2.91 0.26 2.85
C LEU A 393 -4.23 -0.34 3.33
N CYS A 394 -4.94 0.38 4.20
CA CYS A 394 -6.23 -0.10 4.70
C CYS A 394 -7.29 -0.12 3.60
N ALA A 395 -7.20 0.78 2.61
CA ALA A 395 -8.11 0.73 1.47
C ALA A 395 -7.87 -0.53 0.67
N LEU A 396 -6.60 -0.84 0.41
CA LEU A 396 -6.28 -2.12 -0.25
C LEU A 396 -6.78 -3.31 0.55
N GLY A 397 -6.55 -3.29 1.85
CA GLY A 397 -7.01 -4.39 2.68
C GLY A 397 -8.51 -4.55 2.60
N THR A 398 -9.24 -3.44 2.69
CA THR A 398 -10.69 -3.43 2.51
C THR A 398 -11.06 -4.13 1.21
N ALA A 399 -10.42 -3.72 0.11
CA ALA A 399 -10.71 -4.32 -1.19
C ALA A 399 -10.47 -5.81 -1.16
N ILE A 400 -9.32 -6.23 -0.66
CA ILE A 400 -8.98 -7.65 -0.67
C ILE A 400 -9.95 -8.45 0.20
N VAL A 401 -10.15 -8.00 1.43
CA VAL A 401 -10.96 -8.74 2.37
C VAL A 401 -12.38 -8.83 1.87
N PHE A 402 -12.87 -7.76 1.25
CA PHE A 402 -14.24 -7.77 0.75
C PHE A 402 -14.38 -8.66 -0.48
N MET A 403 -13.40 -8.64 -1.39
CA MET A 403 -13.51 -9.43 -2.61
C MET A 403 -13.25 -10.92 -2.40
N THR A 404 -12.66 -11.34 -1.28
CA THR A 404 -12.14 -12.71 -1.16
C THR A 404 -13.12 -13.60 -0.40
N LYS A 405 -13.83 -14.50 -1.15
CA LYS A 405 -14.78 -15.51 -0.68
C LYS A 405 -14.12 -16.88 -0.56
N PRO A 406 -14.64 -17.76 0.32
CA PRO A 406 -13.98 -19.06 0.60
C PRO A 406 -13.70 -19.87 -0.66
N PRO A 407 -12.60 -20.62 -0.68
CA PRO A 407 -12.36 -21.55 -1.80
C PRO A 407 -13.32 -22.72 -1.72
N GLU A 408 -13.35 -23.51 -2.81
CA GLU A 408 -14.21 -24.68 -2.86
C GLU A 408 -13.74 -25.71 -1.84
N LYS A 409 -14.71 -26.34 -1.16
CA LYS A 409 -14.35 -27.37 -0.19
C LYS A 409 -13.79 -28.57 -0.93
N LYS A 410 -12.96 -29.36 -0.26
CA LYS A 410 -12.20 -30.43 -0.91
C LYS A 410 -12.96 -31.75 -0.84
N HIS A 411 -13.18 -32.36 -2.01
CA HIS A 411 -13.65 -33.75 -2.13
C HIS A 411 -12.56 -34.67 -1.56
N ALA A 412 -12.94 -35.68 -0.76
CA ALA A 412 -11.96 -36.65 -0.24
C ALA A 412 -12.25 -38.01 -0.86
N LEU A 413 -11.81 -38.20 -2.12
CA LEU A 413 -12.17 -39.42 -2.83
C LEU A 413 -11.65 -40.67 -2.11
N GLU A 414 -10.58 -40.55 -1.33
CA GLU A 414 -10.10 -41.72 -0.59
C GLU A 414 -11.11 -42.17 0.45
N LEU A 415 -11.72 -41.21 1.16
CA LEU A 415 -12.83 -41.52 2.04
C LEU A 415 -14.09 -41.84 1.25
N GLU A 416 -14.28 -41.15 0.14
CA GLU A 416 -15.51 -41.24 -0.63
C GLU A 416 -15.71 -42.61 -1.26
N VAL A 417 -14.61 -43.26 -1.66
CA VAL A 417 -14.70 -44.58 -2.27
C VAL A 417 -14.98 -45.68 -1.25
N LEU A 418 -14.93 -45.37 0.05
CA LEU A 418 -15.18 -46.38 1.07
C LEU A 418 -16.63 -46.82 1.13
N PHE A 419 -17.50 -46.16 0.35
CA PHE A 419 -18.92 -46.47 0.33
C PHE A 419 -19.19 -47.45 -0.83
N GLN A 420 -19.38 -48.72 -0.46
CA GLN A 420 -19.35 -49.90 -1.35
C GLN A 420 -18.76 -49.68 -2.75
N PRO B 13 -11.58 20.80 -35.78
CA PRO B 13 -11.19 21.48 -34.53
C PRO B 13 -10.46 20.56 -33.58
N LEU B 14 -10.98 19.34 -33.44
CA LEU B 14 -10.31 18.32 -32.62
C LEU B 14 -8.95 17.98 -33.19
N LEU B 15 -8.83 18.00 -34.52
CA LEU B 15 -7.57 17.65 -35.16
C LEU B 15 -6.41 18.50 -34.64
N LEU B 16 -6.69 19.75 -34.25
CA LEU B 16 -5.64 20.60 -33.66
C LEU B 16 -5.09 19.98 -32.38
N GLY B 17 -5.98 19.53 -31.51
CA GLY B 17 -5.54 18.88 -30.28
C GLY B 17 -4.87 17.55 -30.53
N LEU B 18 -5.36 16.80 -31.52
CA LEU B 18 -4.68 15.57 -31.91
C LEU B 18 -3.24 15.86 -32.35
N LEU B 19 -3.04 16.88 -33.19
CA LEU B 19 -1.69 17.26 -33.63
C LEU B 19 -0.79 17.67 -32.47
N GLY B 20 -1.29 18.57 -31.61
CA GLY B 20 -0.47 19.06 -30.51
C GLY B 20 -0.12 17.95 -29.52
N SER B 21 -1.10 17.13 -29.15
CA SER B 21 -0.81 16.03 -28.22
C SER B 21 0.09 14.98 -28.85
N THR B 22 0.01 14.80 -30.17
CA THR B 22 0.95 13.90 -30.85
C THR B 22 2.37 14.44 -30.77
N THR B 23 2.53 15.75 -30.94
CA THR B 23 3.82 16.38 -30.71
C THR B 23 4.30 16.14 -29.27
N CYS B 24 3.40 16.25 -28.28
CA CYS B 24 3.78 16.02 -26.88
C CYS B 24 4.21 14.57 -26.64
N GLY B 25 3.48 13.62 -27.25
CA GLY B 25 3.87 12.22 -27.14
C GLY B 25 5.22 11.94 -27.76
N MET B 26 5.47 12.52 -28.94
CA MET B 26 6.79 12.42 -29.57
C MET B 26 7.88 12.98 -28.66
N LEU B 27 7.67 14.18 -28.11
CA LEU B 27 8.65 14.80 -27.22
C LEU B 27 8.95 13.93 -26.01
N LEU B 28 7.90 13.43 -25.34
CA LEU B 28 8.09 12.64 -24.14
C LEU B 28 8.66 11.26 -24.45
N TYR B 29 8.52 10.78 -25.68
CA TYR B 29 9.12 9.50 -26.03
C TYR B 29 10.57 9.63 -26.51
N ALA B 30 10.96 10.81 -27.02
CA ALA B 30 12.22 10.95 -27.74
C ALA B 30 13.43 10.41 -26.97
N TRP B 31 13.44 10.57 -25.64
CA TRP B 31 14.66 10.28 -24.86
C TRP B 31 15.13 8.83 -24.99
N SER B 32 14.20 7.88 -25.09
CA SER B 32 14.52 6.45 -25.19
C SER B 32 15.24 6.11 -26.50
N VAL B 33 14.96 6.86 -27.56
CA VAL B 33 15.67 6.70 -28.82
C VAL B 33 17.18 6.82 -28.62
N PHE B 34 17.58 7.73 -27.73
CA PHE B 34 18.99 8.08 -27.53
C PHE B 34 19.67 7.23 -26.47
N ILE B 35 18.96 6.31 -25.83
CA ILE B 35 19.60 5.53 -24.77
C ILE B 35 20.88 4.90 -25.26
N LYS B 36 20.80 4.20 -26.40
CA LYS B 36 21.97 3.48 -26.92
C LYS B 36 22.93 4.42 -27.66
N PRO B 37 22.47 5.38 -28.48
CA PRO B 37 23.45 6.28 -29.13
C PRO B 37 24.28 7.14 -28.17
N LEU B 38 23.64 7.76 -27.18
CA LEU B 38 24.40 8.53 -26.20
C LEU B 38 25.30 7.64 -25.35
N ASN B 39 24.86 6.40 -25.05
CA ASN B 39 25.75 5.47 -24.37
C ASN B 39 26.92 5.07 -25.25
N ALA B 40 26.72 5.09 -26.58
CA ALA B 40 27.81 4.78 -27.50
C ALA B 40 28.83 5.90 -27.53
N GLU B 41 28.37 7.15 -27.63
CA GLU B 41 29.34 8.24 -27.76
C GLU B 41 30.01 8.59 -26.43
N PHE B 42 29.29 8.52 -25.32
CA PHE B 42 29.82 8.91 -24.02
C PHE B 42 29.72 7.74 -23.03
N GLY B 43 30.36 7.90 -21.87
CA GLY B 43 30.26 6.91 -20.82
C GLY B 43 28.96 7.01 -20.04
N TRP B 44 27.88 7.38 -20.74
CA TRP B 44 26.62 7.76 -20.12
C TRP B 44 25.71 6.54 -19.98
N SER B 45 25.23 6.30 -18.78
CA SER B 45 24.38 5.17 -18.46
C SER B 45 22.96 5.37 -18.98
N ARG B 46 22.12 4.36 -18.74
CA ARG B 46 20.72 4.50 -19.08
C ARG B 46 20.10 5.47 -18.10
N ALA B 47 20.40 5.32 -16.80
CA ALA B 47 19.82 6.20 -15.78
C ALA B 47 20.21 7.66 -16.01
N GLU B 48 21.43 7.90 -16.50
CA GLU B 48 21.84 9.27 -16.79
C GLU B 48 20.96 9.89 -17.89
N ILE B 49 20.61 9.13 -18.92
CA ILE B 49 19.71 9.63 -19.96
C ILE B 49 18.29 9.72 -19.44
N ALA B 50 17.90 8.79 -18.57
CA ALA B 50 16.56 8.79 -17.99
C ALA B 50 16.35 9.97 -17.05
N MET B 51 17.42 10.48 -16.44
CA MET B 51 17.28 11.65 -15.58
C MET B 51 16.74 12.83 -16.38
N ALA B 52 17.15 12.93 -17.65
CA ALA B 52 16.63 13.98 -18.53
C ALA B 52 15.12 13.83 -18.76
N PHE B 53 14.64 12.59 -18.90
CA PHE B 53 13.20 12.35 -19.03
C PHE B 53 12.49 12.75 -17.75
N ALA B 54 13.07 12.43 -16.59
CA ALA B 54 12.47 12.82 -15.32
C ALA B 54 12.34 14.35 -15.22
N ILE B 55 13.39 15.05 -15.62
CA ILE B 55 13.35 16.52 -15.62
C ILE B 55 12.28 17.02 -16.59
N CYS B 56 12.20 16.42 -17.79
CA CYS B 56 11.21 16.82 -18.78
C CYS B 56 9.79 16.69 -18.23
N CYS B 57 9.49 15.57 -17.58
CA CYS B 57 8.14 15.38 -17.03
C CYS B 57 7.86 16.38 -15.91
N LEU B 58 8.83 16.61 -15.02
CA LEU B 58 8.60 17.56 -13.94
C LEU B 58 8.26 18.94 -14.47
N ILE B 59 9.14 19.48 -15.33
CA ILE B 59 8.94 20.83 -15.86
C ILE B 59 7.65 20.91 -16.67
N PHE B 60 7.38 19.88 -17.49
CA PHE B 60 6.14 19.81 -18.28
C PHE B 60 4.91 19.92 -17.39
N GLY B 61 4.80 19.03 -16.39
CA GLY B 61 3.65 19.05 -15.52
C GLY B 61 3.53 20.33 -14.73
N LEU B 62 4.67 20.89 -14.30
CA LEU B 62 4.59 22.15 -13.57
C LEU B 62 4.12 23.27 -14.47
N MET B 63 4.70 23.34 -15.67
CA MET B 63 4.45 24.42 -16.63
C MET B 63 3.06 24.36 -17.25
N THR B 64 2.32 23.25 -17.11
CA THR B 64 0.93 23.27 -17.52
C THR B 64 0.16 24.36 -16.77
N PHE B 65 0.46 24.54 -15.49
CA PHE B 65 -0.29 25.52 -14.67
C PHE B 65 -0.14 26.94 -15.18
N PRO B 66 1.06 27.52 -15.33
CA PRO B 66 1.15 28.84 -15.95
C PRO B 66 0.58 28.86 -17.36
N ALA B 67 0.74 27.75 -18.10
CA ALA B 67 0.19 27.68 -19.45
C ALA B 67 -1.33 27.84 -19.43
N GLY B 68 -1.99 27.24 -18.45
CA GLY B 68 -3.44 27.39 -18.35
C GLY B 68 -3.84 28.79 -17.94
N ARG B 69 -3.14 29.35 -16.94
CA ARG B 69 -3.42 30.74 -16.56
C ARG B 69 -3.31 31.67 -17.76
N LEU B 70 -2.27 31.48 -18.57
CA LEU B 70 -2.04 32.35 -19.73
C LEU B 70 -2.99 32.06 -20.89
N SER B 71 -3.38 30.81 -21.13
CA SER B 71 -4.39 30.55 -22.15
C SER B 71 -5.74 31.15 -21.78
N ASP B 72 -6.11 31.07 -20.50
CA ASP B 72 -7.33 31.72 -20.04
C ASP B 72 -7.25 33.24 -20.18
N LYS B 73 -6.13 33.85 -19.73
CA LYS B 73 -6.05 35.31 -19.71
C LYS B 73 -5.81 35.94 -21.09
N MET B 74 -4.91 35.38 -21.92
CA MET B 74 -4.51 36.00 -23.19
C MET B 74 -4.72 35.10 -24.40
N GLY B 75 -5.61 34.10 -24.30
CA GLY B 75 -5.93 33.24 -25.42
C GLY B 75 -5.01 32.05 -25.54
N PRO B 76 -5.49 30.96 -26.14
CA PRO B 76 -4.69 29.73 -26.20
C PRO B 76 -3.62 29.76 -27.27
N ARG B 77 -3.79 30.59 -28.30
CA ARG B 77 -2.88 30.57 -29.43
C ARG B 77 -1.48 31.01 -29.02
N LYS B 78 -1.36 32.16 -28.34
CA LYS B 78 -0.05 32.63 -27.89
C LYS B 78 0.67 31.59 -27.03
N VAL B 79 -0.07 30.95 -26.12
CA VAL B 79 0.56 29.97 -25.24
C VAL B 79 1.05 28.76 -26.03
N VAL B 80 0.22 28.26 -26.96
CA VAL B 80 0.62 27.07 -27.70
C VAL B 80 1.77 27.38 -28.65
N MET B 81 1.76 28.54 -29.28
CA MET B 81 2.81 28.83 -30.23
C MET B 81 4.13 29.18 -29.52
N THR B 82 4.07 29.87 -28.38
CA THR B 82 5.26 30.03 -27.55
C THR B 82 5.81 28.67 -27.11
N GLY B 83 4.92 27.73 -26.78
CA GLY B 83 5.38 26.39 -26.46
C GLY B 83 6.05 25.69 -27.64
N GLY B 84 5.47 25.83 -28.84
CA GLY B 84 6.11 25.27 -30.01
C GLY B 84 7.49 25.86 -30.26
N VAL B 85 7.61 27.16 -30.08
CA VAL B 85 8.91 27.83 -30.20
C VAL B 85 9.90 27.27 -29.19
N LEU B 86 9.51 27.27 -27.91
CA LEU B 86 10.40 26.77 -26.87
C LEU B 86 10.80 25.33 -27.13
N LEU B 87 9.87 24.52 -27.65
CA LEU B 87 10.19 23.13 -27.93
C LEU B 87 11.21 23.02 -29.04
N ALA B 88 10.99 23.72 -30.14
CA ALA B 88 11.97 23.71 -31.21
C ALA B 88 13.35 24.14 -30.71
N ILE B 89 13.38 25.20 -29.89
CA ILE B 89 14.64 25.70 -29.34
C ILE B 89 15.34 24.60 -28.54
N GLY B 90 14.62 24.01 -27.59
CA GLY B 90 15.22 23.04 -26.69
C GLY B 90 15.69 21.78 -27.42
N PHE B 91 14.91 21.32 -28.40
CA PHE B 91 15.25 20.12 -29.15
C PHE B 91 16.49 20.36 -30.02
N ILE B 92 16.49 21.47 -30.76
CA ILE B 92 17.63 21.80 -31.61
C ILE B 92 18.88 22.05 -30.77
N LEU B 93 18.73 22.66 -29.58
CA LEU B 93 19.89 22.87 -28.71
C LEU B 93 20.41 21.57 -28.12
N SER B 94 19.51 20.63 -27.78
CA SER B 94 19.94 19.29 -27.42
C SER B 94 20.78 18.67 -28.54
N GLY B 95 20.49 19.05 -29.79
CA GLY B 95 21.31 18.61 -30.90
C GLY B 95 22.79 18.97 -30.76
N PHE B 96 23.11 20.06 -30.06
CA PHE B 96 24.48 20.54 -29.95
C PHE B 96 25.13 20.26 -28.60
N ILE B 97 24.63 19.30 -27.82
CA ILE B 97 25.13 19.16 -26.45
C ILE B 97 26.48 18.43 -26.48
N GLN B 98 27.20 18.49 -25.35
CA GLN B 98 28.39 17.69 -25.15
C GLN B 98 28.47 17.09 -23.75
N SER B 99 27.63 17.52 -22.81
CA SER B 99 27.67 17.06 -21.44
C SER B 99 26.30 16.55 -21.04
N LYS B 100 26.25 15.93 -19.87
CA LYS B 100 24.98 15.51 -19.32
C LYS B 100 24.13 16.73 -18.98
N TYR B 101 24.71 17.66 -18.22
CA TYR B 101 23.94 18.79 -17.71
C TYR B 101 23.40 19.63 -18.83
N GLN B 102 24.15 19.72 -19.93
CA GLN B 102 23.66 20.42 -21.10
C GLN B 102 22.39 19.77 -21.63
N LEU B 103 22.35 18.43 -21.64
CA LEU B 103 21.14 17.75 -22.07
C LEU B 103 19.99 18.00 -21.10
N TYR B 104 20.26 17.94 -19.79
CA TYR B 104 19.20 18.20 -18.81
C TYR B 104 18.60 19.58 -19.02
N ILE B 105 19.44 20.57 -19.36
CA ILE B 105 18.96 21.94 -19.55
C ILE B 105 18.13 22.04 -20.82
N THR B 106 18.70 21.58 -21.95
CA THR B 106 18.04 21.74 -23.24
C THR B 106 16.80 20.86 -23.35
N TYR B 107 16.96 19.55 -23.14
CA TYR B 107 15.84 18.62 -23.25
C TYR B 107 14.91 18.73 -22.05
N GLY B 108 15.47 18.70 -20.83
CA GLY B 108 14.64 18.77 -19.65
C GLY B 108 13.89 20.09 -19.45
N VAL B 109 14.60 21.20 -19.32
CA VAL B 109 13.97 22.44 -18.89
C VAL B 109 13.28 23.14 -20.05
N ILE B 110 14.05 23.49 -21.08
CA ILE B 110 13.52 24.26 -22.20
C ILE B 110 12.40 23.48 -22.89
N ALA B 111 12.73 22.30 -23.41
CA ALA B 111 11.76 21.51 -24.16
C ALA B 111 10.56 21.09 -23.30
N GLY B 112 10.79 20.76 -22.02
CA GLY B 112 9.68 20.40 -21.16
C GLY B 112 8.76 21.58 -20.87
N PHE B 113 9.35 22.75 -20.67
CA PHE B 113 8.59 23.99 -20.53
C PHE B 113 7.64 24.17 -21.71
N GLY B 114 8.22 24.17 -22.92
CA GLY B 114 7.43 24.29 -24.14
C GLY B 114 6.41 23.19 -24.27
N GLY B 115 6.74 21.99 -23.78
CA GLY B 115 5.80 20.88 -23.86
C GLY B 115 4.55 21.12 -23.02
N GLY B 116 4.72 21.60 -21.80
CA GLY B 116 3.55 21.94 -20.99
C GLY B 116 2.70 23.00 -21.67
N MET B 117 3.36 24.00 -22.24
CA MET B 117 2.62 25.08 -22.92
C MET B 117 1.86 24.59 -24.15
N ILE B 118 2.35 23.53 -24.81
CA ILE B 118 1.59 22.93 -25.92
C ILE B 118 0.45 22.04 -25.39
N TYR B 119 0.71 21.25 -24.35
CA TYR B 119 -0.24 20.23 -23.91
C TYR B 119 -1.51 20.82 -23.34
N LEU B 120 -1.39 21.86 -22.50
CA LEU B 120 -2.60 22.19 -21.73
C LEU B 120 -3.67 22.97 -22.50
N PRO B 121 -3.33 24.04 -23.22
CA PRO B 121 -4.38 24.92 -23.80
C PRO B 121 -5.36 24.19 -24.71
N PRO B 122 -4.92 23.21 -25.52
CA PRO B 122 -5.94 22.45 -26.29
C PRO B 122 -6.88 21.63 -25.41
N ILE B 123 -6.38 21.00 -24.35
CA ILE B 123 -7.27 20.29 -23.44
C ILE B 123 -8.28 21.23 -22.82
N ALA B 124 -7.89 22.47 -22.58
CA ALA B 124 -8.84 23.42 -22.02
C ALA B 124 -9.78 23.99 -23.08
N THR B 125 -9.33 24.06 -24.34
CA THR B 125 -10.06 24.75 -25.40
C THR B 125 -11.00 23.84 -26.19
N ALA B 126 -10.56 22.62 -26.53
CA ALA B 126 -11.37 21.73 -27.37
C ALA B 126 -12.73 21.39 -26.77
N PRO B 127 -12.88 21.08 -25.48
CA PRO B 127 -14.23 20.82 -24.94
C PRO B 127 -15.19 22.01 -25.06
N LYS B 128 -14.68 23.24 -25.16
CA LYS B 128 -15.53 24.41 -25.31
C LYS B 128 -16.36 24.34 -26.59
N TRP B 129 -15.89 23.61 -27.61
CA TRP B 129 -16.60 23.38 -28.87
C TRP B 129 -17.60 22.24 -28.83
N TRP B 130 -17.64 21.46 -27.74
CA TRP B 130 -18.44 20.24 -27.70
C TRP B 130 -19.03 20.05 -26.30
N PRO B 131 -19.99 20.88 -25.90
CA PRO B 131 -20.66 20.66 -24.61
C PRO B 131 -21.51 19.40 -24.58
N ASP B 132 -21.86 18.85 -25.75
CA ASP B 132 -22.56 17.58 -25.85
C ASP B 132 -21.63 16.38 -25.74
N ARG B 133 -20.33 16.56 -26.02
CA ARG B 133 -19.34 15.48 -26.00
C ARG B 133 -18.01 15.98 -25.41
N ARG B 134 -18.05 16.44 -24.15
CA ARG B 134 -16.89 17.14 -23.57
C ARG B 134 -15.70 16.20 -23.40
N ALA B 135 -15.94 15.01 -22.85
CA ALA B 135 -14.85 14.10 -22.55
C ALA B 135 -14.21 13.56 -23.82
N LEU B 136 -15.02 13.29 -24.86
CA LEU B 136 -14.46 12.83 -26.13
C LEU B 136 -13.56 13.90 -26.76
N ALA B 137 -13.97 15.16 -26.68
CA ALA B 137 -13.11 16.25 -27.16
C ALA B 137 -11.80 16.28 -26.38
N THR B 138 -11.89 16.20 -25.05
CA THR B 138 -10.70 16.08 -24.23
C THR B 138 -9.84 14.91 -24.71
N GLY B 139 -10.49 13.79 -25.05
CA GLY B 139 -9.78 12.62 -25.53
C GLY B 139 -9.00 12.89 -26.79
N PHE B 140 -9.58 13.66 -27.72
CA PHE B 140 -8.82 14.07 -28.90
C PHE B 140 -7.66 14.99 -28.52
N ALA B 141 -7.83 15.78 -27.46
CA ALA B 141 -6.73 16.63 -26.98
C ALA B 141 -5.60 15.85 -26.31
N VAL B 142 -5.84 14.61 -25.89
CA VAL B 142 -4.82 13.86 -25.15
C VAL B 142 -4.37 12.56 -25.84
N VAL B 143 -5.01 12.11 -26.92
CA VAL B 143 -4.69 10.80 -27.50
C VAL B 143 -3.29 10.77 -28.12
N GLY B 144 -2.78 11.92 -28.52
CA GLY B 144 -1.44 11.97 -29.10
C GLY B 144 -0.37 11.42 -28.19
N LEU B 145 -0.58 11.47 -26.87
CA LEU B 145 0.44 10.95 -25.96
C LEU B 145 0.57 9.42 -26.05
N GLY B 146 -0.52 8.70 -26.34
CA GLY B 146 -0.40 7.30 -26.68
C GLY B 146 0.08 7.05 -28.10
N LEU B 147 -0.13 8.01 -29.01
CA LEU B 147 0.24 7.81 -30.42
C LEU B 147 1.69 8.18 -30.73
N GLY B 148 2.30 9.00 -29.88
CA GLY B 148 3.61 9.54 -30.19
C GLY B 148 4.69 8.48 -30.30
N SER B 149 4.58 7.41 -29.53
CA SER B 149 5.52 6.29 -29.68
C SER B 149 5.49 5.75 -31.10
N PHE B 150 4.30 5.38 -31.59
CA PHE B 150 4.18 4.81 -32.94
C PHE B 150 4.65 5.79 -34.01
N LEU B 151 4.44 7.10 -33.80
CA LEU B 151 4.89 8.04 -34.83
C LEU B 151 6.40 8.30 -34.79
N MET B 152 6.98 8.48 -33.60
CA MET B 152 8.38 8.92 -33.54
C MET B 152 9.36 7.77 -33.62
N GLY B 153 9.09 6.65 -32.94
CA GLY B 153 9.99 5.52 -32.93
C GLY B 153 10.62 5.20 -34.28
N PRO B 154 9.79 4.93 -35.30
CA PRO B 154 10.36 4.66 -36.64
C PRO B 154 11.11 5.83 -37.25
N LEU B 155 10.63 7.06 -37.02
CA LEU B 155 11.30 8.24 -37.58
C LEU B 155 12.70 8.39 -37.03
N ALA B 156 12.81 8.35 -35.70
CA ALA B 156 14.11 8.45 -35.04
C ALA B 156 15.00 7.26 -35.37
N THR B 157 14.42 6.05 -35.50
CA THR B 157 15.22 4.90 -35.92
C THR B 157 15.83 5.11 -37.30
N TYR B 158 15.04 5.61 -38.25
CA TYR B 158 15.58 5.87 -39.59
C TYR B 158 16.71 6.88 -39.56
N ILE B 159 16.52 7.98 -38.84
CA ILE B 159 17.50 9.06 -38.96
C ILE B 159 18.84 8.66 -38.34
N ILE B 160 18.84 7.87 -37.27
CA ILE B 160 20.08 7.54 -36.54
C ILE B 160 21.09 6.76 -37.38
N GLY B 166 23.34 10.41 -38.20
CA GLY B 166 23.45 10.24 -36.75
C GLY B 166 22.21 10.62 -35.94
N TRP B 167 22.36 10.59 -34.60
CA TRP B 167 21.25 10.92 -33.70
C TRP B 167 20.99 12.42 -33.63
N ARG B 168 22.04 13.25 -33.71
CA ARG B 168 21.83 14.69 -33.77
C ARG B 168 20.90 15.07 -34.91
N TYR B 169 20.92 14.31 -36.01
CA TYR B 169 19.98 14.55 -37.10
C TYR B 169 18.54 14.29 -36.62
N VAL B 170 18.35 13.28 -35.78
CA VAL B 170 17.04 13.07 -35.16
C VAL B 170 16.62 14.33 -34.40
N PHE B 171 17.50 14.83 -33.53
CA PHE B 171 17.17 16.02 -32.74
C PHE B 171 16.82 17.22 -33.63
N TRP B 172 17.67 17.52 -34.60
CA TRP B 172 17.43 18.71 -35.44
C TRP B 172 16.16 18.57 -36.28
N TYR B 173 16.06 17.49 -37.07
CA TYR B 173 14.92 17.32 -37.97
C TYR B 173 13.62 17.18 -37.18
N CYS B 174 13.61 16.37 -36.13
CA CYS B 174 12.40 16.25 -35.34
C CYS B 174 12.08 17.53 -34.59
N GLY B 175 13.07 18.36 -34.24
CA GLY B 175 12.74 19.60 -33.56
C GLY B 175 12.09 20.60 -34.49
N VAL B 176 12.57 20.64 -35.74
CA VAL B 176 11.86 21.38 -36.78
C VAL B 176 10.43 20.85 -36.93
N ALA B 177 10.30 19.52 -37.03
CA ALA B 177 9.00 18.92 -37.30
C ALA B 177 8.01 19.18 -36.16
N MET B 178 8.48 19.10 -34.92
CA MET B 178 7.60 19.32 -33.78
C MET B 178 7.27 20.80 -33.63
N GLY B 179 8.24 21.68 -33.84
CA GLY B 179 7.91 23.10 -33.90
C GLY B 179 6.85 23.39 -34.93
N ILE B 180 6.94 22.74 -36.10
CA ILE B 180 5.97 22.97 -37.17
C ILE B 180 4.58 22.46 -36.77
N MET B 181 4.50 21.21 -36.29
CA MET B 181 3.20 20.65 -35.90
C MET B 181 2.56 21.47 -34.78
N ALA B 182 3.37 21.93 -33.82
CA ALA B 182 2.85 22.69 -32.69
C ALA B 182 2.40 24.08 -33.13
N LEU B 183 3.11 24.70 -34.05
CA LEU B 183 2.66 25.99 -34.56
C LEU B 183 1.41 25.84 -35.42
N ILE B 184 1.30 24.75 -36.18
CA ILE B 184 0.08 24.50 -36.94
C ILE B 184 -1.10 24.28 -35.99
N ALA B 185 -0.89 23.55 -34.90
CA ALA B 185 -1.97 23.33 -33.94
C ALA B 185 -2.38 24.63 -33.25
N GLY B 186 -1.40 25.39 -32.72
CA GLY B 186 -1.71 26.60 -31.97
C GLY B 186 -2.15 27.78 -32.79
N ALA B 187 -1.78 27.82 -34.07
CA ALA B 187 -2.17 28.93 -34.92
C ALA B 187 -3.68 28.97 -35.11
N PHE B 188 -4.31 27.79 -35.22
CA PHE B 188 -5.73 27.68 -35.50
C PHE B 188 -6.56 27.49 -34.23
N LEU B 189 -6.03 27.78 -33.05
CA LEU B 189 -6.73 27.50 -31.79
C LEU B 189 -7.27 28.77 -31.16
N GLU B 190 -8.59 28.78 -30.87
CA GLU B 190 -9.26 29.88 -30.18
C GLU B 190 -10.56 29.35 -29.59
N PRO B 191 -11.00 29.89 -28.43
CA PRO B 191 -12.24 29.50 -27.73
C PRO B 191 -13.54 29.90 -28.45
N ARG B 217 -24.25 29.07 -14.50
CA ARG B 217 -23.04 29.84 -14.18
C ARG B 217 -21.89 28.88 -13.92
N ASP B 218 -20.65 29.35 -14.04
CA ASP B 218 -19.45 28.55 -13.78
C ASP B 218 -18.66 29.10 -12.59
N TRP B 219 -17.73 28.29 -12.10
CA TRP B 219 -16.80 28.67 -11.06
C TRP B 219 -15.58 29.39 -11.65
N THR B 220 -14.95 30.21 -10.82
CA THR B 220 -13.69 30.88 -11.12
C THR B 220 -12.51 30.07 -10.59
N TYR B 221 -11.33 30.33 -11.15
CA TYR B 221 -10.12 29.63 -10.72
C TYR B 221 -9.86 29.82 -9.22
N GLU B 222 -10.02 31.05 -8.72
CA GLU B 222 -9.83 31.27 -7.29
C GLU B 222 -10.83 30.49 -6.47
N GLU B 223 -12.06 30.35 -6.98
CA GLU B 223 -13.07 29.59 -6.26
C GLU B 223 -12.80 28.10 -6.35
N ALA B 224 -12.37 27.61 -7.52
CA ALA B 224 -12.13 26.17 -7.68
C ALA B 224 -10.90 25.72 -6.90
N LYS B 225 -9.83 26.52 -6.94
CA LYS B 225 -8.61 26.22 -6.19
C LYS B 225 -8.87 26.09 -4.69
N GLY B 226 -9.99 26.61 -4.18
CA GLY B 226 -10.29 26.53 -2.78
C GLY B 226 -11.27 25.46 -2.33
N ASP B 227 -11.85 24.69 -3.24
CA ASP B 227 -12.78 23.64 -2.83
C ASP B 227 -12.01 22.39 -2.43
N THR B 228 -12.54 21.67 -1.44
CA THR B 228 -11.93 20.42 -1.01
C THR B 228 -12.08 19.32 -2.06
N LYS B 229 -13.13 19.39 -2.90
CA LYS B 229 -13.31 18.40 -3.96
C LYS B 229 -12.19 18.47 -4.99
N PHE B 230 -11.69 19.70 -5.26
CA PHE B 230 -10.54 19.88 -6.15
C PHE B 230 -9.32 19.15 -5.62
N TRP B 231 -9.07 19.24 -4.32
CA TRP B 231 -7.87 18.59 -3.77
C TRP B 231 -8.08 17.11 -3.53
N LEU B 232 -9.32 16.66 -3.31
CA LEU B 232 -9.57 15.22 -3.38
C LEU B 232 -9.20 14.69 -4.76
N LEU B 233 -9.62 15.41 -5.81
CA LEU B 233 -9.24 15.02 -7.16
C LEU B 233 -7.73 15.08 -7.35
N TYR B 234 -7.10 16.13 -6.80
CA TYR B 234 -5.65 16.26 -6.87
C TYR B 234 -4.96 15.05 -6.23
N LEU B 235 -5.43 14.64 -5.05
CA LEU B 235 -4.83 13.47 -4.40
C LEU B 235 -5.05 12.21 -5.23
N ALA B 236 -6.27 12.02 -5.75
CA ALA B 236 -6.54 10.83 -6.57
C ALA B 236 -5.64 10.79 -7.81
N TYR B 237 -5.48 11.93 -8.47
CA TYR B 237 -4.61 12.00 -9.64
C TYR B 237 -3.19 11.61 -9.28
N PHE B 238 -2.66 12.19 -8.20
CA PHE B 238 -1.32 11.80 -7.80
C PHE B 238 -1.24 10.30 -7.56
N CYS B 239 -2.24 9.73 -6.88
CA CYS B 239 -2.16 8.31 -6.54
C CYS B 239 -2.13 7.45 -7.81
N GLY B 240 -3.10 7.65 -8.69
CA GLY B 240 -3.14 6.81 -9.88
C GLY B 240 -1.93 7.02 -10.76
N SER B 241 -1.56 8.28 -10.99
CA SER B 241 -0.38 8.64 -11.79
C SER B 241 0.89 7.99 -11.26
N PHE B 242 1.15 8.16 -9.96
CA PHE B 242 2.36 7.62 -9.34
C PHE B 242 2.38 6.09 -9.44
N ALA B 243 1.24 5.44 -9.17
CA ALA B 243 1.19 3.99 -9.26
C ALA B 243 1.53 3.52 -10.65
N GLY B 244 0.85 4.07 -11.64
CA GLY B 244 1.10 3.64 -13.00
C GLY B 244 2.56 3.82 -13.36
N LEU B 245 3.10 5.02 -13.09
CA LEU B 245 4.47 5.33 -13.49
C LEU B 245 5.48 4.54 -12.68
N MET B 246 5.05 4.00 -11.55
CA MET B 246 5.92 3.19 -10.73
C MET B 246 6.04 1.77 -11.28
N VAL B 247 4.99 1.25 -11.95
CA VAL B 247 5.05 -0.15 -12.42
C VAL B 247 5.26 -0.28 -13.92
N ILE B 248 4.78 0.66 -14.72
CA ILE B 248 4.71 0.46 -16.17
C ILE B 248 6.09 0.16 -16.75
N GLY B 249 7.09 0.90 -16.31
CA GLY B 249 8.43 0.60 -16.80
C GLY B 249 9.01 -0.71 -16.29
N HIS B 250 8.34 -1.37 -15.36
CA HIS B 250 8.89 -2.59 -14.79
C HIS B 250 8.13 -3.84 -15.15
N LEU B 251 6.98 -3.69 -15.84
CA LEU B 251 6.21 -4.85 -16.28
C LEU B 251 7.07 -5.86 -17.06
N ALA B 252 7.88 -5.37 -18.02
CA ALA B 252 8.65 -6.30 -18.84
C ALA B 252 9.71 -7.02 -18.01
N GLY B 253 10.37 -6.29 -17.11
CA GLY B 253 11.31 -6.92 -16.22
C GLY B 253 10.63 -7.95 -15.33
N PHE B 254 9.42 -7.64 -14.85
CA PHE B 254 8.66 -8.62 -14.08
C PHE B 254 8.41 -9.87 -14.90
N GLY B 255 7.99 -9.69 -16.15
CA GLY B 255 7.75 -10.84 -16.99
C GLY B 255 8.98 -11.69 -17.17
N ARG B 256 10.10 -11.05 -17.55
CA ARG B 256 11.33 -11.80 -17.77
C ARG B 256 11.80 -12.47 -16.48
N ASP B 257 11.73 -11.76 -15.35
CA ASP B 257 12.08 -12.32 -14.04
C ASP B 257 11.15 -13.46 -13.65
N ALA B 258 9.90 -13.41 -14.11
CA ALA B 258 8.99 -14.52 -13.86
C ALA B 258 9.29 -15.72 -14.73
N GLY B 259 10.18 -15.56 -15.72
CA GLY B 259 10.67 -16.65 -16.54
C GLY B 259 10.49 -16.52 -18.04
N LEU B 260 9.77 -15.51 -18.56
CA LEU B 260 9.60 -15.39 -20.01
C LEU B 260 10.90 -14.86 -20.62
N THR B 261 11.11 -15.16 -21.90
CA THR B 261 12.20 -14.49 -22.62
C THR B 261 11.95 -13.00 -22.69
N ALA B 262 13.05 -12.23 -22.75
CA ALA B 262 12.95 -10.78 -22.86
C ALA B 262 12.09 -10.39 -24.04
N MET B 263 12.29 -11.08 -25.17
CA MET B 263 11.43 -10.88 -26.34
C MET B 263 9.98 -11.10 -25.99
N ALA B 264 9.67 -12.22 -25.33
CA ALA B 264 8.28 -12.54 -25.04
C ALA B 264 7.70 -11.55 -24.04
N ALA B 265 8.42 -11.28 -22.95
CA ALA B 265 7.91 -10.37 -21.94
C ALA B 265 7.63 -9.00 -22.54
N ALA B 266 8.57 -8.50 -23.35
CA ALA B 266 8.43 -7.16 -23.92
C ALA B 266 7.31 -7.14 -24.95
N GLY B 267 7.24 -8.15 -25.80
CA GLY B 267 6.13 -8.25 -26.73
C GLY B 267 4.81 -8.20 -26.02
N ALA B 268 4.66 -9.01 -24.97
CA ALA B 268 3.43 -9.01 -24.20
C ALA B 268 3.13 -7.62 -23.69
N VAL B 269 4.12 -6.98 -23.06
CA VAL B 269 3.88 -5.68 -22.45
C VAL B 269 3.50 -4.62 -23.50
N SER B 270 4.01 -4.75 -24.72
CA SER B 270 3.83 -3.68 -25.70
C SER B 270 2.37 -3.40 -26.06
N SER B 271 1.42 -4.31 -25.79
CA SER B 271 0.02 -4.03 -26.08
C SER B 271 -0.51 -2.89 -25.21
N LEU B 272 0.23 -2.56 -24.15
CA LEU B 272 -0.13 -1.44 -23.29
C LEU B 272 -0.19 -0.15 -24.10
N ALA B 273 0.69 0.01 -25.08
CA ALA B 273 0.66 1.21 -25.91
C ALA B 273 -0.69 1.34 -26.62
N PHE B 274 -1.17 0.23 -27.21
CA PHE B 274 -2.40 0.29 -27.99
C PHE B 274 -3.57 0.65 -27.09
N SER B 275 -3.69 -0.02 -25.95
CA SER B 275 -4.84 0.29 -25.11
C SER B 275 -4.72 1.69 -24.50
N ASN B 276 -3.49 2.13 -24.17
CA ASN B 276 -3.28 3.49 -23.65
C ASN B 276 -3.72 4.54 -24.66
N ALA B 277 -3.48 4.30 -25.94
CA ALA B 277 -3.98 5.22 -26.94
C ALA B 277 -5.51 5.14 -27.04
N ALA B 278 -6.03 3.93 -27.18
CA ALA B 278 -7.46 3.74 -27.45
C ALA B 278 -8.33 4.28 -26.32
N THR B 279 -7.96 4.02 -25.06
CA THR B 279 -8.82 4.38 -23.94
C THR B 279 -9.06 5.87 -23.87
N ARG B 280 -8.11 6.69 -24.33
CA ARG B 280 -8.25 8.14 -24.19
C ARG B 280 -9.46 8.64 -25.00
N ILE B 281 -9.73 8.00 -26.15
CA ILE B 281 -10.88 8.31 -26.98
C ILE B 281 -12.13 7.58 -26.47
N LEU B 282 -11.98 6.27 -26.26
CA LEU B 282 -13.15 5.44 -26.00
C LEU B 282 -13.77 5.74 -24.64
N SER B 283 -12.96 5.88 -23.59
CA SER B 283 -13.49 6.22 -22.28
C SER B 283 -14.14 7.60 -22.29
N GLY B 284 -13.56 8.55 -23.03
CA GLY B 284 -14.18 9.87 -23.14
C GLY B 284 -15.58 9.80 -23.72
N TRP B 285 -15.72 9.05 -24.81
CA TRP B 285 -17.05 8.83 -25.37
C TRP B 285 -17.99 8.10 -24.41
N PHE B 286 -17.50 7.03 -23.75
CA PHE B 286 -18.34 6.27 -22.83
C PHE B 286 -18.92 7.17 -21.75
N VAL B 287 -18.07 7.94 -21.07
CA VAL B 287 -18.56 8.76 -19.97
C VAL B 287 -19.37 9.95 -20.47
N ASP B 288 -19.07 10.47 -21.68
CA ASP B 288 -19.96 11.46 -22.26
C ASP B 288 -21.37 10.90 -22.36
N LYS B 289 -21.49 9.60 -22.65
CA LYS B 289 -22.79 8.96 -22.78
C LYS B 289 -23.44 8.67 -21.42
N ILE B 290 -22.68 8.14 -20.45
CA ILE B 290 -23.23 7.57 -19.22
C ILE B 290 -22.78 8.27 -17.95
N GLY B 291 -21.96 9.32 -18.02
CA GLY B 291 -21.43 9.94 -16.83
C GLY B 291 -20.06 9.40 -16.46
N ILE B 292 -19.41 10.09 -15.52
CA ILE B 292 -17.99 9.88 -15.22
C ILE B 292 -17.77 8.98 -14.01
N ARG B 293 -18.41 9.30 -12.88
CA ARG B 293 -17.90 8.89 -11.57
C ARG B 293 -17.77 7.39 -11.43
N VAL B 294 -18.81 6.65 -11.77
CA VAL B 294 -18.84 5.22 -11.48
C VAL B 294 -17.87 4.46 -12.38
N TYR B 295 -17.87 4.76 -13.68
CA TYR B 295 -16.88 4.18 -14.59
C TYR B 295 -15.46 4.55 -14.18
N PHE B 296 -15.24 5.81 -13.79
CA PHE B 296 -13.91 6.26 -13.34
C PHE B 296 -13.45 5.46 -12.12
N ALA B 297 -14.30 5.41 -11.07
CA ALA B 297 -13.97 4.63 -9.89
C ALA B 297 -13.74 3.16 -10.24
N ALA B 298 -14.50 2.63 -11.20
CA ALA B 298 -14.30 1.25 -11.61
C ALA B 298 -12.95 1.04 -12.27
N LEU B 299 -12.53 1.96 -13.15
CA LEU B 299 -11.21 1.86 -13.79
C LEU B 299 -10.11 1.84 -12.72
N PHE B 300 -10.21 2.72 -11.72
CA PHE B 300 -9.26 2.67 -10.61
C PHE B 300 -9.27 1.31 -9.91
N ALA B 301 -10.47 0.76 -9.67
CA ALA B 301 -10.58 -0.53 -9.00
C ALA B 301 -9.91 -1.62 -9.81
N LEU B 302 -10.17 -1.62 -11.12
CA LEU B 302 -9.56 -2.59 -12.01
C LEU B 302 -8.04 -2.44 -12.01
N GLN B 303 -7.55 -1.20 -11.89
CA GLN B 303 -6.11 -1.00 -11.81
C GLN B 303 -5.55 -1.63 -10.53
N THR B 304 -6.26 -1.47 -9.42
CA THR B 304 -5.85 -2.13 -8.17
C THR B 304 -5.76 -3.63 -8.36
N ALA B 305 -6.80 -4.19 -8.98
CA ALA B 305 -6.84 -5.62 -9.22
C ALA B 305 -5.65 -6.05 -10.07
N ALA B 306 -5.31 -5.26 -11.09
CA ALA B 306 -4.27 -5.66 -12.03
C ALA B 306 -2.91 -5.67 -11.35
N MET B 307 -2.64 -4.64 -10.53
CA MET B 307 -1.39 -4.63 -9.77
C MET B 307 -1.27 -5.90 -8.93
N ILE B 308 -2.40 -6.39 -8.40
CA ILE B 308 -2.34 -7.66 -7.67
C ILE B 308 -2.23 -8.85 -8.62
N ALA B 309 -3.00 -8.84 -9.71
CA ALA B 309 -3.15 -10.04 -10.52
C ALA B 309 -1.87 -10.40 -11.27
N ILE B 310 -1.00 -9.43 -11.52
CA ILE B 310 0.22 -9.78 -12.26
C ILE B 310 1.00 -10.86 -11.53
N PHE B 311 0.86 -10.95 -10.20
CA PHE B 311 1.61 -11.96 -9.46
C PHE B 311 1.15 -13.37 -9.76
N GLN B 312 -0.01 -13.54 -10.39
CA GLN B 312 -0.41 -14.85 -10.88
C GLN B 312 -0.37 -14.94 -12.39
N LEU B 313 -0.55 -13.82 -13.08
CA LEU B 313 -0.63 -13.83 -14.53
C LEU B 313 0.68 -13.47 -15.22
N GLY B 314 1.65 -12.93 -14.49
CA GLY B 314 2.85 -12.42 -15.15
C GLY B 314 3.76 -13.48 -15.71
N GLY B 315 3.44 -14.75 -15.52
CA GLY B 315 4.27 -15.84 -15.98
C GLY B 315 3.87 -16.42 -17.32
N SER B 316 2.93 -15.79 -18.02
CA SER B 316 2.53 -16.27 -19.33
C SER B 316 2.39 -15.06 -20.26
N VAL B 317 2.73 -15.27 -21.53
CA VAL B 317 2.60 -14.18 -22.50
C VAL B 317 1.16 -13.64 -22.52
N VAL B 318 0.17 -14.53 -22.50
CA VAL B 318 -1.22 -14.10 -22.54
C VAL B 318 -1.61 -13.36 -21.27
N GLY B 319 -1.26 -13.93 -20.11
CA GLY B 319 -1.58 -13.26 -18.85
C GLY B 319 -0.92 -11.89 -18.74
N LEU B 320 0.40 -11.82 -18.99
CA LEU B 320 1.09 -10.54 -18.93
C LEU B 320 0.52 -9.56 -19.96
N SER B 321 0.09 -10.06 -21.12
CA SER B 321 -0.55 -9.19 -22.11
C SER B 321 -1.81 -8.57 -21.54
N ILE B 322 -2.64 -9.40 -20.89
CA ILE B 322 -3.89 -8.90 -20.30
C ILE B 322 -3.59 -7.87 -19.24
N VAL B 323 -2.64 -8.19 -18.36
CA VAL B 323 -2.26 -7.24 -17.31
C VAL B 323 -1.82 -5.93 -17.96
N ALA B 324 -1.02 -6.02 -19.02
CA ALA B 324 -0.53 -4.80 -19.66
C ALA B 324 -1.65 -4.02 -20.32
N ILE B 325 -2.58 -4.72 -20.98
CA ILE B 325 -3.68 -4.07 -21.68
C ILE B 325 -4.57 -3.33 -20.70
N VAL B 326 -4.92 -4.02 -19.61
CA VAL B 326 -5.75 -3.41 -18.57
C VAL B 326 -5.06 -2.21 -17.95
N ILE B 327 -3.78 -2.38 -17.58
CA ILE B 327 -3.06 -1.28 -16.92
C ILE B 327 -3.05 -0.07 -17.81
N GLY B 328 -2.75 -0.27 -19.09
CA GLY B 328 -2.77 0.83 -20.02
C GLY B 328 -4.15 1.45 -20.15
N TRP B 329 -5.21 0.64 -20.12
CA TRP B 329 -6.55 1.19 -20.26
C TRP B 329 -6.89 2.12 -19.11
N ASN B 330 -6.68 1.66 -17.88
CA ASN B 330 -6.99 2.49 -16.72
C ASN B 330 -6.06 3.70 -16.64
N TYR B 331 -4.76 3.47 -16.84
CA TYR B 331 -3.79 4.56 -16.82
C TYR B 331 -4.16 5.64 -17.84
N GLY B 332 -4.30 5.25 -19.11
CA GLY B 332 -4.65 6.21 -20.13
C GLY B 332 -5.97 6.93 -19.85
N ALA B 333 -6.96 6.21 -19.30
CA ALA B 333 -8.24 6.86 -19.06
C ALA B 333 -8.12 8.02 -18.08
N MET B 334 -7.20 7.93 -17.10
CA MET B 334 -7.08 9.03 -16.13
C MET B 334 -6.95 10.40 -16.81
N PHE B 335 -6.18 10.48 -17.89
CA PHE B 335 -5.87 11.76 -18.51
C PHE B 335 -7.01 12.33 -19.35
N THR B 336 -8.11 11.58 -19.51
CA THR B 336 -9.36 12.13 -20.03
C THR B 336 -10.38 12.35 -18.92
N LEU B 337 -10.46 11.42 -17.97
CA LEU B 337 -11.52 11.47 -16.98
C LEU B 337 -11.27 12.53 -15.92
N PHE B 338 -9.98 12.80 -15.57
CA PHE B 338 -9.72 13.90 -14.63
C PHE B 338 -9.99 15.29 -15.23
N PRO B 339 -9.53 15.63 -16.43
CA PRO B 339 -10.02 16.90 -17.00
C PRO B 339 -11.53 16.92 -17.21
N ALA B 340 -12.14 15.78 -17.55
CA ALA B 340 -13.60 15.72 -17.67
C ALA B 340 -14.28 15.91 -16.31
N THR B 341 -13.81 15.23 -15.27
CA THR B 341 -14.37 15.42 -13.93
C THR B 341 -14.23 16.86 -13.46
N CYS B 342 -13.06 17.46 -13.70
CA CYS B 342 -12.84 18.86 -13.35
C CYS B 342 -13.81 19.75 -14.12
N LEU B 343 -14.01 19.45 -15.39
CA LEU B 343 -14.95 20.16 -16.24
C LEU B 343 -16.38 20.07 -15.70
N GLN B 344 -16.74 18.88 -15.19
CA GLN B 344 -18.06 18.67 -14.60
C GLN B 344 -18.20 19.41 -13.28
N PHE B 345 -17.15 19.43 -12.46
CA PHE B 345 -17.26 20.04 -11.14
C PHE B 345 -17.33 21.55 -11.21
N TYR B 346 -16.49 22.18 -12.04
CA TYR B 346 -16.30 23.63 -11.95
C TYR B 346 -16.63 24.41 -13.21
N GLY B 347 -16.87 23.76 -14.34
CA GLY B 347 -17.23 24.47 -15.55
C GLY B 347 -16.03 24.92 -16.37
N PRO B 348 -16.29 25.25 -17.64
CA PRO B 348 -15.18 25.45 -18.59
C PRO B 348 -14.49 26.80 -18.54
N THR B 349 -15.07 27.81 -17.88
CA THR B 349 -14.52 29.16 -17.98
C THR B 349 -13.07 29.20 -17.53
N ALA B 350 -12.78 28.67 -16.35
CA ALA B 350 -11.42 28.64 -15.82
C ALA B 350 -10.76 27.29 -16.02
N GLN B 351 -11.23 26.50 -16.99
CA GLN B 351 -10.75 25.13 -17.13
C GLN B 351 -9.25 25.09 -17.38
N GLY B 352 -8.72 26.07 -18.10
CA GLY B 352 -7.28 26.15 -18.29
C GLY B 352 -6.55 26.17 -16.96
N SER B 353 -6.88 27.16 -16.13
CA SER B 353 -6.21 27.31 -14.84
C SER B 353 -6.51 26.14 -13.90
N ASN B 354 -7.79 25.75 -13.82
CA ASN B 354 -8.19 24.65 -12.94
C ASN B 354 -7.40 23.39 -13.24
N TYR B 355 -7.46 22.94 -14.50
CA TYR B 355 -6.83 21.67 -14.82
C TYR B 355 -5.32 21.80 -14.87
N GLY B 356 -4.76 22.98 -15.15
CA GLY B 356 -3.31 23.13 -15.04
C GLY B 356 -2.82 22.93 -13.61
N LEU B 357 -3.48 23.62 -12.68
CA LEU B 357 -3.19 23.36 -11.28
C LEU B 357 -3.35 21.87 -10.99
N LEU B 358 -4.41 21.26 -11.51
CA LEU B 358 -4.66 19.84 -11.24
C LEU B 358 -3.55 18.92 -11.79
N PHE B 359 -3.02 19.24 -12.97
CA PHE B 359 -2.03 18.39 -13.62
C PHE B 359 -0.64 18.50 -13.00
N THR B 360 -0.38 19.57 -12.22
CA THR B 360 0.90 19.58 -11.50
C THR B 360 1.09 18.32 -10.67
N ALA B 361 -0.02 17.67 -10.26
CA ALA B 361 0.07 16.37 -9.60
C ALA B 361 0.82 15.38 -10.46
N CYS B 362 0.50 15.34 -11.75
CA CYS B 362 1.21 14.47 -12.69
C CYS B 362 2.65 14.90 -12.84
N GLY B 363 2.92 16.20 -12.78
CA GLY B 363 4.32 16.63 -12.80
C GLY B 363 5.14 15.98 -11.69
N LEU B 364 4.61 15.99 -10.48
CA LEU B 364 5.34 15.42 -9.36
C LEU B 364 5.44 13.89 -9.48
N ALA B 365 4.32 13.26 -9.82
CA ALA B 365 4.33 11.80 -10.03
C ALA B 365 5.28 11.40 -11.15
N GLY B 366 5.31 12.16 -12.25
CA GLY B 366 6.22 11.87 -13.35
C GLY B 366 7.69 12.05 -13.03
N PHE B 367 8.02 13.03 -12.18
CA PHE B 367 9.40 13.15 -11.75
C PHE B 367 9.82 11.95 -10.91
N ALA B 368 8.99 11.59 -9.93
CA ALA B 368 9.46 10.72 -8.85
C ALA B 368 9.12 9.24 -9.03
N GLY B 369 8.02 8.90 -9.71
CA GLY B 369 7.48 7.56 -9.74
C GLY B 369 8.36 6.43 -10.19
N PRO B 370 8.87 6.52 -11.42
CA PRO B 370 9.73 5.45 -11.91
C PRO B 370 10.94 5.20 -11.01
N TRP B 371 11.57 6.27 -10.54
CA TRP B 371 12.68 6.12 -9.62
C TRP B 371 12.25 5.37 -8.35
N VAL B 372 11.11 5.77 -7.76
CA VAL B 372 10.66 5.16 -6.50
C VAL B 372 10.37 3.68 -6.69
N GLY B 373 9.72 3.31 -7.78
CA GLY B 373 9.50 1.89 -8.05
C GLY B 373 10.79 1.11 -8.21
N GLY B 374 11.74 1.67 -8.98
CA GLY B 374 13.02 1.02 -9.15
C GLY B 374 13.72 0.85 -7.82
N TRP B 375 13.62 1.87 -6.96
CA TRP B 375 14.27 1.84 -5.66
C TRP B 375 13.65 0.78 -4.75
N LEU B 376 12.32 0.69 -4.72
CA LEU B 376 11.68 -0.35 -3.91
C LEU B 376 12.08 -1.74 -4.40
N LYS B 377 12.13 -1.95 -5.72
CA LYS B 377 12.56 -3.24 -6.24
C LYS B 377 13.99 -3.57 -5.80
N ASP B 378 14.94 -2.67 -6.08
CA ASP B 378 16.35 -2.97 -5.78
C ASP B 378 16.58 -3.11 -4.29
N THR B 379 15.79 -2.41 -3.48
CA THR B 379 15.84 -2.60 -2.04
C THR B 379 15.49 -4.04 -1.67
N THR B 380 14.36 -4.54 -2.16
CA THR B 380 13.97 -5.87 -1.76
C THR B 380 14.59 -6.96 -2.63
N GLY B 381 15.05 -6.61 -3.82
CA GLY B 381 15.32 -7.60 -4.83
C GLY B 381 14.08 -8.16 -5.49
N THR B 382 12.89 -7.70 -5.10
CA THR B 382 11.66 -8.24 -5.66
C THR B 382 10.72 -7.12 -6.11
N TYR B 383 9.73 -7.52 -6.89
CA TYR B 383 8.72 -6.61 -7.40
C TYR B 383 7.54 -6.48 -6.46
N TYR B 384 7.54 -7.24 -5.35
CA TYR B 384 6.39 -7.22 -4.45
C TYR B 384 6.15 -5.82 -3.91
N LEU B 385 7.19 -5.17 -3.38
CA LEU B 385 6.96 -3.87 -2.75
C LEU B 385 6.43 -2.85 -3.75
N PRO B 386 7.08 -2.62 -4.90
CA PRO B 386 6.57 -1.56 -5.79
C PRO B 386 5.15 -1.81 -6.26
N PHE B 387 4.81 -3.07 -6.58
CA PHE B 387 3.45 -3.34 -7.04
C PHE B 387 2.44 -3.25 -5.91
N LEU B 388 2.84 -3.67 -4.71
CA LEU B 388 1.95 -3.52 -3.56
C LEU B 388 1.67 -2.05 -3.26
N CYS B 389 2.72 -1.20 -3.34
CA CYS B 389 2.50 0.23 -3.14
C CYS B 389 1.60 0.81 -4.24
N ALA B 390 1.87 0.45 -5.51
CA ALA B 390 1.02 0.93 -6.60
C ALA B 390 -0.44 0.56 -6.37
N ALA B 391 -0.68 -0.71 -6.02
CA ALA B 391 -2.03 -1.18 -5.73
C ALA B 391 -2.66 -0.42 -4.57
N ALA B 392 -1.88 -0.20 -3.50
CA ALA B 392 -2.42 0.57 -2.37
C ALA B 392 -2.86 1.96 -2.82
N LEU B 393 -2.01 2.62 -3.61
CA LEU B 393 -2.33 3.96 -4.11
C LEU B 393 -3.59 3.93 -5.00
N CYS B 394 -3.74 2.89 -5.83
CA CYS B 394 -4.94 2.83 -6.64
C CYS B 394 -6.18 2.56 -5.79
N ALA B 395 -6.05 1.81 -4.69
CA ALA B 395 -7.20 1.61 -3.82
C ALA B 395 -7.65 2.92 -3.19
N LEU B 396 -6.69 3.70 -2.68
CA LEU B 396 -7.05 5.02 -2.15
C LEU B 396 -7.74 5.86 -3.24
N GLY B 397 -7.20 5.85 -4.46
CA GLY B 397 -7.84 6.58 -5.54
C GLY B 397 -9.24 6.09 -5.88
N THR B 398 -9.45 4.78 -5.88
CA THR B 398 -10.78 4.23 -6.09
C THR B 398 -11.76 4.84 -5.11
N ALA B 399 -11.40 4.83 -3.83
CA ALA B 399 -12.30 5.40 -2.83
C ALA B 399 -12.55 6.87 -3.10
N ILE B 400 -11.48 7.63 -3.35
CA ILE B 400 -11.61 9.08 -3.54
C ILE B 400 -12.50 9.39 -4.75
N VAL B 401 -12.20 8.77 -5.90
CA VAL B 401 -12.96 9.04 -7.12
C VAL B 401 -14.41 8.63 -6.94
N PHE B 402 -14.64 7.50 -6.26
CA PHE B 402 -16.01 7.02 -6.10
C PHE B 402 -16.83 7.93 -5.18
N MET B 403 -16.20 8.48 -4.14
CA MET B 403 -16.92 9.21 -3.11
C MET B 403 -16.98 10.70 -3.39
N THR B 404 -16.23 11.18 -4.37
CA THR B 404 -16.22 12.63 -4.61
C THR B 404 -17.28 13.06 -5.62
N LYS B 405 -18.38 13.62 -5.11
CA LYS B 405 -19.50 14.14 -5.93
C LYS B 405 -19.35 15.66 -6.03
N PRO B 406 -19.92 16.31 -7.06
CA PRO B 406 -19.80 17.75 -7.23
C PRO B 406 -20.12 18.55 -5.96
C28 02Q C . -1.42 -9.41 18.54
C38 02Q C . 1.38 -7.40 15.53
C33 02Q C . 2.44 -8.36 16.06
C34 02Q C . 3.59 -8.59 15.33
C35 02Q C . 4.57 -9.46 15.80
C37 02Q C . 4.36 -10.11 17.00
C36 02Q C . 3.20 -9.90 17.74
C32 02Q C . 2.24 -9.02 17.28
C31 02Q C . 0.97 -8.78 18.08
C9 02Q C . -0.17 -9.71 17.70
O29 02Q C . -1.63 -8.23 18.94
OXT 02Q C . -2.21 -10.34 18.82
C28 02Q D . -0.63 12.14 -20.81
C38 02Q D . 1.98 11.53 -16.54
C33 02Q D . 2.67 12.70 -17.23
C34 02Q D . 3.57 13.45 -16.50
C35 02Q D . 4.20 14.53 -17.11
C37 02Q D . 3.93 14.82 -18.44
C36 02Q D . 3.05 14.06 -19.18
C32 02Q D . 2.40 13.00 -18.57
C31 02Q D . 1.44 12.18 -19.42
C9 02Q D . 0.19 12.95 -19.80
O29 02Q D . -0.47 10.88 -20.87
OXT 02Q D . -1.47 12.73 -21.57
#